data_7BUR
#
_entry.id   7BUR
#
_cell.length_a   54.640
_cell.length_b   97.990
_cell.length_c   157.810
_cell.angle_alpha   90.000
_cell.angle_beta   90.000
_cell.angle_gamma   90.000
#
_symmetry.space_group_name_H-M   'P 21 21 21'
#
loop_
_entity.id
_entity.type
_entity.pdbx_description
1 polymer 'Chalcone synthase 1'
2 non-polymer NARINGENIN
3 non-polymer 'CITRIC ACID'
4 water water
#
_entity_poly.entity_id   1
_entity_poly.type   'polypeptide(L)'
_entity_poly.pdbx_seq_one_letter_code
;MNHKVHHHHHHIEGRHMVSVEEIRKAQRAEGPATVMAIGTATPPNCVDQSTYPDYYFRITNSEHMTELKEKFKRMCDKSM
IKKRY(SME)YLNEEILKENPSVCAYMAPSLDARQDMVVVEVPKLGKEAATKAIKEWGQPKSKITHLIFCTTSGVDMPGA
DYQLTKLLGLRPSVKRYMMYQQG(CSD)FAGGTVLRLAKDLAENNKGARVLVVCSEITAVTFRGPTDTHLDSLVGQALFG
DGAAAVIVGSDPLPVEKPLFQLVWTAQTILPDSEGAIDGHLREVGLTFHLLKDVPGLISKNIEKALVEAFQPLGISDYNS
IFWIAHPGGPAILDQVEAKLGLKPEKMEATRHVLSEYGNMSSACVLFILDQMRKKSIENGLGTTGEGLDWGVLFGFGPGL
TVETVVLRSVTL
;
_entity_poly.pdbx_strand_id   A,B
#
# COMPACT_ATOMS: atom_id res chain seq x y z
N MET A 17 34.88 -12.53 -10.26
CA MET A 17 33.47 -12.61 -10.80
C MET A 17 32.47 -12.32 -9.66
N VAL A 18 31.62 -11.30 -9.80
CA VAL A 18 30.66 -10.93 -8.71
C VAL A 18 29.47 -11.92 -8.77
N SER A 19 29.22 -12.62 -7.68
CA SER A 19 28.11 -13.60 -7.53
C SER A 19 26.94 -12.97 -6.73
N VAL A 20 25.74 -13.50 -6.93
CA VAL A 20 24.52 -12.99 -6.24
C VAL A 20 24.71 -13.26 -4.75
N GLU A 21 25.32 -14.37 -4.39
CA GLU A 21 25.54 -14.76 -2.98
C GLU A 21 26.51 -13.75 -2.35
N GLU A 22 27.51 -13.29 -3.09
CA GLU A 22 28.48 -12.32 -2.52
C GLU A 22 27.76 -10.96 -2.38
N ILE A 23 26.99 -10.57 -3.38
CA ILE A 23 26.17 -9.32 -3.32
C ILE A 23 25.28 -9.35 -2.09
N ARG A 24 24.58 -10.46 -1.86
CA ARG A 24 23.61 -10.58 -0.74
C ARG A 24 24.32 -10.42 0.60
N LYS A 25 25.48 -11.04 0.79
CA LYS A 25 26.25 -10.97 2.06
C LYS A 25 26.69 -9.51 2.30
N ALA A 26 27.09 -8.78 1.26
CA ALA A 26 27.57 -7.37 1.40
C ALA A 26 26.40 -6.38 1.58
N GLN A 27 25.20 -6.74 1.11
CA GLN A 27 24.05 -5.80 0.95
C GLN A 27 23.27 -5.72 2.28
N ARG A 28 23.32 -6.74 3.14
CA ARG A 28 22.37 -6.89 4.26
C ARG A 28 22.91 -6.27 5.54
N ALA A 29 22.04 -5.87 6.47
CA ALA A 29 22.39 -5.25 7.77
C ALA A 29 22.61 -6.38 8.78
N GLU A 30 23.16 -6.07 9.97
N GLU A 30 23.16 -6.09 9.96
CA GLU A 30 23.53 -7.09 10.98
CA GLU A 30 23.45 -7.14 10.98
C GLU A 30 22.57 -7.07 12.17
C GLU A 30 22.44 -7.08 12.12
N GLY A 31 22.16 -5.88 12.65
CA GLY A 31 21.41 -5.75 13.90
C GLY A 31 19.90 -5.61 13.72
N PRO A 32 19.18 -5.61 14.84
CA PRO A 32 17.73 -5.44 14.84
C PRO A 32 17.33 -4.02 14.47
N ALA A 33 16.17 -3.92 13.83
CA ALA A 33 15.55 -2.63 13.48
C ALA A 33 15.32 -1.84 14.77
N THR A 34 15.71 -0.57 14.74
CA THR A 34 15.74 0.33 15.89
C THR A 34 15.00 1.62 15.55
N VAL A 35 14.03 1.97 16.39
CA VAL A 35 13.35 3.28 16.31
C VAL A 35 14.34 4.33 16.85
N MET A 36 14.64 5.35 16.08
CA MET A 36 15.67 6.36 16.41
C MET A 36 15.07 7.75 16.56
N ALA A 37 13.80 7.95 16.22
CA ALA A 37 13.10 9.25 16.29
C ALA A 37 11.60 9.02 16.16
N ILE A 38 10.86 9.85 16.87
CA ILE A 38 9.38 9.96 16.74
C ILE A 38 8.99 11.43 16.75
N GLY A 39 8.20 11.84 15.78
CA GLY A 39 7.61 13.18 15.73
C GLY A 39 6.12 13.10 15.49
N THR A 40 5.36 14.10 15.95
CA THR A 40 3.89 14.11 15.77
C THR A 40 3.42 15.51 15.42
N ALA A 41 2.30 15.59 14.71
CA ALA A 41 1.68 16.86 14.32
C ALA A 41 0.16 16.69 14.30
N THR A 42 -0.55 17.78 14.57
CA THR A 42 -2.01 17.87 14.44
C THR A 42 -2.40 19.15 13.73
N PRO A 43 -3.59 19.16 13.10
CA PRO A 43 -4.15 20.42 12.66
C PRO A 43 -4.36 21.38 13.83
N PRO A 44 -4.39 22.69 13.56
CA PRO A 44 -4.53 23.68 14.64
C PRO A 44 -5.90 23.78 15.33
N ASN A 45 -6.99 23.38 14.67
CA ASN A 45 -8.37 23.52 15.22
C ASN A 45 -8.62 22.48 16.29
N CYS A 46 -8.64 22.88 17.54
CA CYS A 46 -8.86 21.99 18.70
C CYS A 46 -10.37 21.99 18.96
N VAL A 47 -11.00 20.83 19.08
CA VAL A 47 -12.47 20.73 19.27
C VAL A 47 -12.71 20.05 20.62
N ASP A 48 -13.25 20.78 21.60
N ASP A 48 -13.31 20.79 21.56
CA ASP A 48 -13.58 20.23 22.93
CA ASP A 48 -13.71 20.29 22.90
C ASP A 48 -14.72 19.22 22.79
C ASP A 48 -14.76 19.19 22.74
N GLN A 49 -14.56 18.02 23.35
CA GLN A 49 -15.56 16.94 23.35
C GLN A 49 -16.76 17.35 24.19
N SER A 50 -16.57 18.12 25.27
CA SER A 50 -17.71 18.44 26.18
C SER A 50 -18.78 19.24 25.42
N THR A 51 -18.39 20.07 24.45
CA THR A 51 -19.33 20.91 23.65
C THR A 51 -19.53 20.35 22.23
N TYR A 52 -19.03 19.16 21.91
CA TYR A 52 -19.03 18.70 20.50
C TYR A 52 -20.46 18.39 20.05
N PRO A 53 -21.33 17.79 20.88
CA PRO A 53 -22.70 17.54 20.41
C PRO A 53 -23.44 18.80 19.95
N ASP A 54 -23.31 19.91 20.68
CA ASP A 54 -23.93 21.21 20.29
C ASP A 54 -23.28 21.69 18.99
N TYR A 55 -21.96 21.66 18.90
CA TYR A 55 -21.21 22.14 17.72
C TYR A 55 -21.66 21.31 16.50
N TYR A 56 -21.59 19.99 16.60
CA TYR A 56 -21.84 19.06 15.47
C TYR A 56 -23.30 19.20 14.99
N PHE A 57 -24.27 19.22 15.89
CA PHE A 57 -25.71 19.27 15.52
C PHE A 57 -26.03 20.67 14.96
N ARG A 58 -25.29 21.71 15.33
CA ARG A 58 -25.48 23.07 14.76
C ARG A 58 -24.86 23.15 13.34
N ILE A 59 -23.59 22.77 13.14
CA ILE A 59 -22.97 23.01 11.79
C ILE A 59 -23.53 22.04 10.76
N THR A 60 -24.20 20.98 11.17
CA THR A 60 -24.92 20.07 10.24
C THR A 60 -26.41 20.44 10.14
N ASN A 61 -26.85 21.54 10.75
CA ASN A 61 -28.27 22.03 10.68
C ASN A 61 -29.20 20.88 11.08
N SER A 62 -28.90 20.20 12.19
CA SER A 62 -29.62 18.99 12.65
C SER A 62 -30.26 19.21 14.03
N GLU A 63 -30.41 20.46 14.50
CA GLU A 63 -30.82 20.78 15.91
C GLU A 63 -32.22 20.20 16.19
N HIS A 64 -33.01 19.94 15.14
CA HIS A 64 -34.40 19.41 15.23
C HIS A 64 -34.40 17.92 15.62
N MET A 65 -33.27 17.21 15.51
CA MET A 65 -33.22 15.77 15.86
C MET A 65 -32.91 15.64 17.37
N THR A 66 -33.83 16.05 18.26
CA THR A 66 -33.55 16.21 19.71
C THR A 66 -33.24 14.86 20.36
N GLU A 67 -33.95 13.77 20.02
CA GLU A 67 -33.71 12.40 20.59
C GLU A 67 -32.35 11.88 20.11
N LEU A 68 -31.95 12.21 18.88
CA LEU A 68 -30.67 11.71 18.33
C LEU A 68 -29.52 12.45 19.00
N LYS A 69 -29.67 13.75 19.14
CA LYS A 69 -28.65 14.57 19.82
C LYS A 69 -28.39 14.04 21.25
N GLU A 70 -29.43 13.64 21.98
CA GLU A 70 -29.27 13.03 23.34
C GLU A 70 -28.47 11.72 23.24
N LYS A 71 -28.73 10.90 22.24
CA LYS A 71 -27.92 9.66 22.05
C LYS A 71 -26.48 10.09 21.78
N PHE A 72 -26.25 11.15 21.00
CA PHE A 72 -24.88 11.54 20.59
C PHE A 72 -24.13 12.09 21.79
N LYS A 73 -24.82 12.85 22.62
CA LYS A 73 -24.23 13.38 23.87
C LYS A 73 -23.75 12.20 24.73
N ARG A 74 -24.55 11.15 24.87
CA ARG A 74 -24.15 10.00 25.71
C ARG A 74 -22.91 9.34 25.09
N MET A 75 -22.87 9.18 23.77
CA MET A 75 -21.68 8.63 23.05
C MET A 75 -20.45 9.50 23.34
N CYS A 76 -20.54 10.82 23.27
CA CYS A 76 -19.41 11.75 23.54
C CYS A 76 -18.99 11.65 25.01
N ASP A 77 -19.95 11.60 25.94
CA ASP A 77 -19.66 11.48 27.40
C ASP A 77 -18.97 10.14 27.72
N LYS A 78 -19.31 9.03 27.04
CA LYS A 78 -18.67 7.71 27.32
C LYS A 78 -17.35 7.53 26.55
N SER A 79 -16.99 8.44 25.62
CA SER A 79 -15.86 8.27 24.68
C SER A 79 -14.52 8.27 25.42
N MET A 80 -14.43 8.94 26.59
CA MET A 80 -13.16 9.18 27.35
C MET A 80 -12.18 9.99 26.49
N ILE A 81 -12.73 10.80 25.58
CA ILE A 81 -11.97 11.79 24.76
C ILE A 81 -12.26 13.15 25.39
N LYS A 82 -11.24 13.95 25.64
CA LYS A 82 -11.41 15.35 26.12
C LYS A 82 -11.37 16.33 24.94
N LYS A 83 -10.55 16.07 23.93
CA LYS A 83 -10.44 16.96 22.76
C LYS A 83 -9.88 16.21 21.55
N ARG A 84 -10.12 16.77 20.38
CA ARG A 84 -9.61 16.26 19.08
C ARG A 84 -9.16 17.47 18.27
N TYR A 85 -8.23 17.25 17.36
CA TYR A 85 -7.81 18.23 16.35
C TYR A 85 -8.45 17.89 15.02
N TYR A 87 -8.77 19.24 10.87
CA TYR A 87 -8.64 20.08 9.69
C TYR A 87 -9.95 20.83 9.38
N LEU A 88 -11.08 20.14 9.43
CA LEU A 88 -12.42 20.74 9.17
C LEU A 88 -12.74 21.80 10.24
N ASN A 89 -13.28 22.93 9.82
CA ASN A 89 -13.71 24.02 10.71
C ASN A 89 -15.03 24.55 10.16
N GLU A 90 -15.60 25.52 10.85
CA GLU A 90 -16.96 26.01 10.53
C GLU A 90 -16.94 26.66 9.14
N GLU A 91 -15.86 27.35 8.79
CA GLU A 91 -15.75 28.06 7.49
C GLU A 91 -15.75 27.01 6.35
N ILE A 92 -14.90 26.01 6.48
CA ILE A 92 -14.76 24.95 5.43
C ILE A 92 -16.11 24.23 5.27
N LEU A 93 -16.77 23.92 6.37
CA LEU A 93 -18.08 23.21 6.31
C LEU A 93 -19.15 24.07 5.65
N LYS A 94 -19.15 25.38 5.88
CA LYS A 94 -20.13 26.29 5.22
C LYS A 94 -19.81 26.40 3.73
N GLU A 95 -18.53 26.32 3.35
CA GLU A 95 -18.09 26.32 1.94
C GLU A 95 -18.43 24.98 1.23
N ASN A 96 -18.71 23.90 1.98
CA ASN A 96 -18.81 22.53 1.43
C ASN A 96 -20.00 21.83 2.05
N PRO A 97 -21.23 22.34 1.86
CA PRO A 97 -22.38 21.78 2.54
C PRO A 97 -22.67 20.31 2.20
N SER A 98 -22.17 19.81 1.07
CA SER A 98 -22.39 18.38 0.71
C SER A 98 -21.66 17.49 1.72
N VAL A 99 -20.63 17.99 2.36
CA VAL A 99 -19.87 17.25 3.43
C VAL A 99 -20.70 17.19 4.73
N CYS A 100 -21.53 18.20 5.00
CA CYS A 100 -22.38 18.25 6.22
C CYS A 100 -23.62 17.37 6.08
N ALA A 101 -24.00 16.99 4.86
CA ALA A 101 -25.17 16.10 4.65
C ALA A 101 -24.83 14.75 5.25
N TYR A 102 -25.81 13.98 5.70
CA TYR A 102 -25.60 12.55 6.05
C TYR A 102 -24.99 11.82 4.83
N MET A 103 -25.66 11.88 3.67
CA MET A 103 -25.25 11.06 2.49
C MET A 103 -25.53 11.81 1.18
N ALA A 104 -24.71 12.80 0.87
CA ALA A 104 -24.79 13.56 -0.39
C ALA A 104 -23.49 13.32 -1.13
N PRO A 105 -23.52 13.12 -2.45
CA PRO A 105 -22.32 13.15 -3.27
C PRO A 105 -21.35 14.29 -2.91
N SER A 106 -20.14 13.93 -2.50
CA SER A 106 -19.22 14.87 -1.82
C SER A 106 -17.77 14.40 -1.92
N LEU A 107 -17.50 13.30 -2.60
CA LEU A 107 -16.12 12.76 -2.64
C LEU A 107 -15.18 13.75 -3.30
N ASP A 108 -15.57 14.43 -4.37
CA ASP A 108 -14.61 15.37 -5.02
C ASP A 108 -14.19 16.50 -4.06
N ALA A 109 -15.13 17.08 -3.31
CA ALA A 109 -14.83 18.11 -2.30
C ALA A 109 -13.88 17.55 -1.23
N ARG A 110 -14.12 16.33 -0.77
CA ARG A 110 -13.30 15.67 0.28
C ARG A 110 -11.90 15.43 -0.27
N GLN A 111 -11.80 14.86 -1.48
CA GLN A 111 -10.51 14.57 -2.14
C GLN A 111 -9.71 15.88 -2.28
N ASP A 112 -10.37 16.94 -2.71
CA ASP A 112 -9.72 18.26 -2.92
C ASP A 112 -9.00 18.68 -1.62
N MET A 113 -9.60 18.40 -0.47
CA MET A 113 -9.00 18.71 0.85
C MET A 113 -7.80 17.76 1.14
N VAL A 114 -8.07 16.45 1.16
CA VAL A 114 -7.13 15.47 1.79
C VAL A 114 -5.93 15.20 0.89
N VAL A 115 -6.02 15.36 -0.43
CA VAL A 115 -4.87 15.06 -1.32
C VAL A 115 -3.77 16.09 -1.06
N VAL A 116 -4.15 17.28 -0.61
CA VAL A 116 -3.19 18.35 -0.18
C VAL A 116 -2.88 18.21 1.30
N GLU A 117 -3.88 18.13 2.15
CA GLU A 117 -3.68 18.23 3.63
C GLU A 117 -2.92 17.01 4.19
N VAL A 118 -3.13 15.79 3.67
CA VAL A 118 -2.48 14.57 4.23
C VAL A 118 -0.96 14.68 4.14
N PRO A 119 -0.35 14.96 2.96
CA PRO A 119 1.10 15.08 2.88
C PRO A 119 1.59 16.34 3.61
N LYS A 120 0.78 17.39 3.68
CA LYS A 120 1.20 18.64 4.40
C LYS A 120 1.40 18.32 5.90
N LEU A 121 0.42 17.66 6.51
CA LEU A 121 0.48 17.28 7.93
C LEU A 121 1.60 16.26 8.11
N GLY A 122 1.75 15.34 7.17
CA GLY A 122 2.81 14.33 7.24
C GLY A 122 4.19 14.98 7.26
N LYS A 123 4.35 16.04 6.46
CA LYS A 123 5.62 16.78 6.39
C LYS A 123 5.97 17.39 7.75
N GLU A 124 4.97 17.95 8.44
N GLU A 124 4.98 17.97 8.45
CA GLU A 124 5.13 18.59 9.77
CA GLU A 124 5.21 18.58 9.79
C GLU A 124 5.64 17.53 10.77
C GLU A 124 5.75 17.49 10.72
N ALA A 125 5.11 16.30 10.72
CA ALA A 125 5.54 15.21 11.64
C ALA A 125 6.95 14.75 11.23
N ALA A 126 7.18 14.60 9.94
CA ALA A 126 8.46 14.09 9.42
C ALA A 126 9.60 15.05 9.78
N THR A 127 9.42 16.34 9.58
CA THR A 127 10.44 17.37 9.90
C THR A 127 10.85 17.21 11.37
N LYS A 128 9.90 16.98 12.27
CA LYS A 128 10.19 16.79 13.72
C LYS A 128 10.94 15.48 13.98
N ALA A 129 10.60 14.39 13.27
CA ALA A 129 11.33 13.12 13.43
C ALA A 129 12.76 13.32 12.95
N ILE A 130 12.89 13.95 11.79
CA ILE A 130 14.24 14.17 11.20
C ILE A 130 15.07 15.06 12.16
N LYS A 131 14.46 16.06 12.77
CA LYS A 131 15.17 16.97 13.73
C LYS A 131 15.69 16.17 14.92
N GLU A 132 14.87 15.28 15.49
CA GLU A 132 15.26 14.43 16.63
C GLU A 132 16.40 13.50 16.21
N TRP A 133 16.30 12.86 15.05
CA TRP A 133 17.29 11.87 14.55
C TRP A 133 18.68 12.54 14.45
N GLY A 134 18.71 13.77 13.95
CA GLY A 134 19.94 14.61 14.00
C GLY A 134 20.90 14.30 12.87
N GLN A 135 20.47 13.53 11.86
CA GLN A 135 21.24 13.16 10.66
C GLN A 135 20.72 13.92 9.45
N PRO A 136 21.53 14.01 8.38
CA PRO A 136 21.07 14.60 7.13
C PRO A 136 19.94 13.77 6.50
N LYS A 137 18.91 14.44 6.03
CA LYS A 137 17.77 13.79 5.34
C LYS A 137 18.24 13.14 4.03
N SER A 138 19.41 13.49 3.47
CA SER A 138 19.98 12.77 2.29
C SER A 138 20.29 11.31 2.67
N LYS A 139 20.35 10.95 3.95
CA LYS A 139 20.66 9.55 4.38
C LYS A 139 19.39 8.71 4.49
N ILE A 140 18.22 9.30 4.33
CA ILE A 140 16.94 8.52 4.25
C ILE A 140 16.92 7.73 2.94
N THR A 141 16.79 6.42 3.03
CA THR A 141 16.88 5.52 1.84
C THR A 141 15.49 5.02 1.47
N HIS A 142 14.57 4.95 2.45
CA HIS A 142 13.23 4.35 2.25
C HIS A 142 12.19 5.27 2.90
N LEU A 143 11.00 5.37 2.31
CA LEU A 143 9.85 6.12 2.84
C LEU A 143 8.62 5.21 2.78
N ILE A 144 7.96 5.06 3.92
CA ILE A 144 6.65 4.40 4.03
C ILE A 144 5.67 5.52 4.36
N PHE A 145 4.68 5.69 3.50
CA PHE A 145 3.59 6.67 3.76
C PHE A 145 2.30 5.88 3.91
N CYS A 146 1.55 6.17 4.97
CA CYS A 146 0.34 5.42 5.33
C CYS A 146 -0.81 6.40 5.61
N THR A 147 -1.96 6.18 4.99
CA THR A 147 -3.17 6.97 5.25
C THR A 147 -4.43 6.13 4.95
N THR A 148 -5.53 6.49 5.60
CA THR A 148 -6.89 6.01 5.32
C THR A 148 -7.72 7.16 4.73
N SER A 149 -7.09 8.30 4.43
CA SER A 149 -7.76 9.57 4.05
C SER A 149 -7.39 10.00 2.63
N GLY A 150 -8.15 9.55 1.64
CA GLY A 150 -7.97 9.94 0.25
C GLY A 150 -7.02 9.04 -0.50
N VAL A 151 -7.04 9.10 -1.83
CA VAL A 151 -5.99 8.47 -2.71
C VAL A 151 -5.74 9.40 -3.89
N ASP A 152 -4.57 9.26 -4.48
CA ASP A 152 -4.17 10.04 -5.66
C ASP A 152 -2.98 9.36 -6.33
N MET A 153 -2.72 9.73 -7.57
CA MET A 153 -1.52 9.26 -8.33
C MET A 153 -0.92 10.48 -9.00
N PRO A 154 0.39 10.76 -8.82
CA PRO A 154 1.23 10.06 -7.84
C PRO A 154 0.70 10.22 -6.40
N GLY A 155 1.17 9.38 -5.48
CA GLY A 155 0.60 9.28 -4.12
C GLY A 155 1.14 10.35 -3.17
N ALA A 156 0.66 10.31 -1.94
CA ALA A 156 1.13 11.19 -0.85
C ALA A 156 2.62 10.94 -0.57
N ASP A 157 3.13 9.76 -0.88
CA ASP A 157 4.58 9.42 -0.73
C ASP A 157 5.42 10.30 -1.67
N TYR A 158 4.97 10.43 -2.91
CA TYR A 158 5.60 11.33 -3.90
C TYR A 158 5.51 12.78 -3.41
N GLN A 159 4.35 13.21 -2.94
CA GLN A 159 4.13 14.63 -2.51
C GLN A 159 5.08 14.90 -1.33
N LEU A 160 5.22 13.96 -0.40
CA LEU A 160 6.08 14.18 0.79
C LEU A 160 7.56 14.20 0.38
N THR A 161 7.95 13.37 -0.56
CA THR A 161 9.31 13.35 -1.08
C THR A 161 9.64 14.76 -1.60
N LYS A 162 8.74 15.35 -2.36
CA LYS A 162 8.94 16.70 -2.95
C LYS A 162 8.95 17.74 -1.82
N LEU A 163 7.98 17.70 -0.91
CA LEU A 163 7.92 18.71 0.18
C LEU A 163 9.19 18.66 1.04
N LEU A 164 9.70 17.49 1.36
CA LEU A 164 10.86 17.35 2.28
C LEU A 164 12.17 17.53 1.54
N GLY A 165 12.20 17.45 0.20
CA GLY A 165 13.45 17.40 -0.58
C GLY A 165 14.29 16.16 -0.25
N LEU A 166 13.66 15.00 -0.07
CA LEU A 166 14.43 13.73 -0.01
C LEU A 166 15.10 13.44 -1.37
N ARG A 167 16.05 12.51 -1.41
CA ARG A 167 16.72 12.11 -2.66
C ARG A 167 15.66 11.56 -3.61
N PRO A 168 15.73 11.88 -4.92
CA PRO A 168 14.80 11.33 -5.89
C PRO A 168 14.74 9.78 -5.88
N SER A 169 15.83 9.12 -5.46
N SER A 169 15.83 9.11 -5.45
CA SER A 169 16.00 7.65 -5.47
CA SER A 169 15.99 7.63 -5.44
C SER A 169 15.49 7.02 -4.18
C SER A 169 15.62 7.04 -4.09
N VAL A 170 14.88 7.80 -3.27
CA VAL A 170 14.24 7.22 -2.04
C VAL A 170 13.30 6.09 -2.53
N LYS A 171 13.36 4.93 -1.89
CA LYS A 171 12.47 3.78 -2.17
C LYS A 171 11.17 3.93 -1.37
N ARG A 172 10.06 4.05 -2.06
CA ARG A 172 8.76 4.44 -1.47
C ARG A 172 7.82 3.25 -1.40
N TYR A 173 7.00 3.21 -0.34
CA TYR A 173 5.92 2.22 -0.08
C TYR A 173 4.68 3.06 0.28
N MET A 174 3.74 3.17 -0.65
CA MET A 174 2.54 4.00 -0.51
C MET A 174 1.43 3.05 -0.02
N MET A 175 1.00 3.24 1.21
N MET A 175 1.05 3.20 1.23
CA MET A 175 0.03 2.38 1.93
CA MET A 175 0.00 2.39 1.89
C MET A 175 -1.29 3.13 2.08
C MET A 175 -1.26 3.23 2.01
N TYR A 176 -2.19 2.97 1.11
CA TYR A 176 -3.50 3.67 1.03
C TYR A 176 -4.62 2.81 1.62
N GLN A 177 -5.62 3.49 2.16
CA GLN A 177 -6.92 2.92 2.59
C GLN A 177 -6.71 1.73 3.54
N GLN A 178 -5.84 1.96 4.51
N GLN A 178 -5.78 1.71 4.49
CA GLN A 178 -5.19 0.95 5.37
CA GLN A 178 -5.64 0.46 5.31
C GLN A 178 -6.09 0.63 6.56
C GLN A 178 -6.50 0.53 6.57
N GLY A 179 -6.61 1.67 7.22
CA GLY A 179 -7.42 1.62 8.44
C GLY A 179 -6.58 1.44 9.70
N PHE A 181 -5.41 -0.57 11.94
CA PHE A 181 -4.37 -1.50 12.37
C PHE A 181 -3.02 -1.10 11.79
N ALA A 182 -2.96 -0.16 10.84
CA ALA A 182 -1.78 0.00 9.98
C ALA A 182 -0.61 0.69 10.69
N GLY A 183 -0.82 1.24 11.89
CA GLY A 183 0.30 1.67 12.76
C GLY A 183 1.22 0.50 13.04
N GLY A 184 0.65 -0.68 13.25
CA GLY A 184 1.44 -1.91 13.36
C GLY A 184 2.05 -2.33 12.02
N THR A 185 1.27 -2.24 10.95
CA THR A 185 1.69 -2.68 9.59
C THR A 185 2.94 -1.90 9.16
N VAL A 186 3.00 -0.59 9.39
CA VAL A 186 4.18 0.20 8.90
C VAL A 186 5.43 -0.19 9.70
N LEU A 187 5.30 -0.53 10.97
CA LEU A 187 6.48 -1.00 11.75
C LEU A 187 6.91 -2.39 11.25
N ARG A 188 5.97 -3.30 11.03
CA ARG A 188 6.24 -4.65 10.46
C ARG A 188 7.00 -4.51 9.12
N LEU A 189 6.59 -3.59 8.24
CA LEU A 189 7.30 -3.30 6.97
C LEU A 189 8.68 -2.67 7.26
N ALA A 190 8.76 -1.61 8.07
CA ALA A 190 10.03 -0.88 8.33
C ALA A 190 11.08 -1.86 8.84
N LYS A 191 10.67 -2.77 9.71
CA LYS A 191 11.57 -3.78 10.30
C LYS A 191 12.31 -4.53 9.19
N ASP A 192 11.60 -5.04 8.19
CA ASP A 192 12.26 -5.82 7.12
C ASP A 192 13.09 -4.89 6.23
N LEU A 193 12.65 -3.66 5.96
CA LEU A 193 13.43 -2.76 5.09
C LEU A 193 14.79 -2.46 5.77
N ALA A 194 14.78 -2.10 7.07
CA ALA A 194 15.97 -1.73 7.84
C ALA A 194 16.91 -2.94 7.98
N GLU A 195 16.37 -4.12 8.27
CA GLU A 195 17.19 -5.30 8.66
C GLU A 195 17.84 -5.94 7.44
N ASN A 196 17.24 -5.81 6.26
CA ASN A 196 17.75 -6.52 5.06
C ASN A 196 18.71 -5.65 4.26
N ASN A 197 18.91 -4.37 4.66
CA ASN A 197 19.60 -3.38 3.77
C ASN A 197 20.61 -2.58 4.61
N LYS A 198 21.90 -2.89 4.44
CA LYS A 198 23.01 -2.21 5.14
C LYS A 198 22.94 -0.72 4.84
N GLY A 199 22.91 0.08 5.90
CA GLY A 199 22.84 1.54 5.80
C GLY A 199 21.43 2.07 5.70
N ALA A 200 20.41 1.24 5.54
CA ALA A 200 19.05 1.74 5.24
C ALA A 200 18.58 2.55 6.44
N ARG A 201 17.97 3.68 6.14
CA ARG A 201 17.27 4.50 7.15
C ARG A 201 15.87 4.79 6.60
N VAL A 202 14.88 4.32 7.34
CA VAL A 202 13.48 4.30 6.88
C VAL A 202 12.74 5.45 7.56
N LEU A 203 12.17 6.35 6.77
CA LEU A 203 11.21 7.32 7.29
C LEU A 203 9.82 6.70 7.15
N VAL A 204 9.08 6.69 8.24
CA VAL A 204 7.70 6.14 8.32
C VAL A 204 6.77 7.28 8.70
N VAL A 205 5.73 7.52 7.90
CA VAL A 205 4.74 8.58 8.14
C VAL A 205 3.35 7.98 8.03
N CYS A 206 2.54 8.19 9.08
CA CYS A 206 1.10 7.92 9.07
C CYS A 206 0.40 9.25 9.24
N SER A 207 -0.52 9.59 8.34
CA SER A 207 -1.19 10.90 8.39
C SER A 207 -2.66 10.69 8.13
N GLU A 208 -3.53 11.11 9.03
CA GLU A 208 -4.97 10.82 8.91
C GLU A 208 -5.76 12.13 9.10
N ILE A 209 -6.73 12.37 8.21
CA ILE A 209 -7.57 13.60 8.20
C ILE A 209 -9.02 13.14 8.00
N THR A 210 -9.90 13.46 8.92
CA THR A 210 -11.28 12.94 8.98
C THR A 210 -12.23 13.65 8.01
N ALA A 211 -11.75 14.54 7.14
CA ALA A 211 -12.56 15.19 6.08
C ALA A 211 -13.20 14.12 5.15
N VAL A 212 -12.61 12.94 5.10
N VAL A 212 -12.62 12.92 5.01
CA VAL A 212 -13.08 11.86 4.21
CA VAL A 212 -13.23 11.90 4.11
C VAL A 212 -14.29 11.16 4.83
C VAL A 212 -14.39 11.19 4.82
N THR A 213 -14.45 11.20 6.15
CA THR A 213 -15.49 10.42 6.88
C THR A 213 -16.51 11.30 7.61
N PHE A 214 -16.20 12.57 7.85
CA PHE A 214 -17.14 13.50 8.49
C PHE A 214 -18.46 13.53 7.71
N ARG A 215 -19.58 13.44 8.41
CA ARG A 215 -20.89 13.53 7.73
C ARG A 215 -21.96 13.86 8.77
N GLY A 216 -23.12 14.33 8.30
CA GLY A 216 -24.26 14.65 9.17
C GLY A 216 -24.86 13.41 9.83
N PRO A 217 -25.66 13.61 10.90
CA PRO A 217 -26.21 12.48 11.67
C PRO A 217 -27.49 11.86 11.09
N THR A 218 -27.71 10.56 11.27
CA THR A 218 -29.07 9.93 11.19
C THR A 218 -29.22 8.85 12.27
N ASP A 219 -30.48 8.47 12.51
CA ASP A 219 -30.93 7.53 13.59
C ASP A 219 -30.92 6.10 13.05
N THR A 220 -30.81 5.90 11.73
CA THR A 220 -30.83 4.58 11.03
C THR A 220 -29.46 3.89 11.18
N HIS A 221 -28.38 4.67 11.25
CA HIS A 221 -26.99 4.16 11.31
C HIS A 221 -26.29 4.83 12.50
N LEU A 222 -26.52 4.23 13.68
CA LEU A 222 -25.88 4.66 14.96
C LEU A 222 -24.39 4.31 14.95
N ASP A 223 -23.94 3.38 14.09
CA ASP A 223 -22.51 3.02 13.92
C ASP A 223 -21.78 4.17 13.20
N SER A 224 -22.37 4.78 12.16
CA SER A 224 -21.81 5.98 11.48
C SER A 224 -21.64 7.09 12.53
N LEU A 225 -22.61 7.25 13.43
CA LEU A 225 -22.58 8.30 14.48
C LEU A 225 -21.44 8.08 15.48
N VAL A 226 -21.19 6.83 15.88
CA VAL A 226 -20.07 6.48 16.81
C VAL A 226 -18.75 7.03 16.23
N GLY A 227 -18.53 6.86 14.92
CA GLY A 227 -17.34 7.42 14.24
C GLY A 227 -17.19 8.92 14.49
N GLN A 228 -18.30 9.67 14.47
CA GLN A 228 -18.28 11.15 14.57
C GLN A 228 -17.85 11.56 15.99
N ALA A 229 -18.00 10.66 16.98
CA ALA A 229 -17.62 10.94 18.36
C ALA A 229 -16.14 10.58 18.61
N LEU A 230 -15.56 9.65 17.85
CA LEU A 230 -14.23 9.06 18.20
C LEU A 230 -13.09 9.58 17.31
N PHE A 231 -13.33 9.80 16.02
CA PHE A 231 -12.19 9.94 15.06
C PHE A 231 -11.65 11.37 15.14
N GLY A 232 -10.32 11.50 15.26
CA GLY A 232 -9.59 12.77 15.18
C GLY A 232 -8.45 12.73 14.16
N ASP A 233 -7.82 13.88 13.96
CA ASP A 233 -6.79 14.07 12.92
C ASP A 233 -5.41 14.10 13.56
N GLY A 234 -4.43 13.59 12.83
CA GLY A 234 -3.05 13.65 13.33
C GLY A 234 -2.11 12.92 12.39
N ALA A 235 -0.81 13.21 12.51
CA ALA A 235 0.25 12.54 11.74
C ALA A 235 1.38 12.23 12.69
N ALA A 236 2.06 11.13 12.43
CA ALA A 236 3.22 10.73 13.23
C ALA A 236 4.24 10.16 12.27
N ALA A 237 5.50 10.34 12.62
CA ALA A 237 6.64 9.89 11.82
C ALA A 237 7.67 9.22 12.73
N VAL A 238 8.31 8.19 12.23
CA VAL A 238 9.45 7.52 12.95
C VAL A 238 10.59 7.34 11.96
N ILE A 239 11.80 7.27 12.48
CA ILE A 239 13.00 6.85 11.72
C ILE A 239 13.37 5.48 12.28
N VAL A 240 13.56 4.53 11.38
CA VAL A 240 13.89 3.13 11.73
C VAL A 240 15.16 2.75 10.98
N GLY A 241 16.08 2.11 11.66
CA GLY A 241 17.33 1.68 11.03
C GLY A 241 18.01 0.64 11.86
N SER A 242 18.76 -0.23 11.22
CA SER A 242 19.64 -1.19 11.91
C SER A 242 21.05 -0.60 12.05
N ASP A 243 21.84 -1.13 12.98
CA ASP A 243 23.29 -0.84 13.18
C ASP A 243 23.43 0.68 13.41
N PRO A 244 22.90 1.19 14.53
CA PRO A 244 22.93 2.62 14.81
C PRO A 244 24.38 3.16 14.86
N LEU A 245 24.61 4.35 14.34
CA LEU A 245 25.89 5.08 14.52
C LEU A 245 26.01 5.49 15.99
N PRO A 246 27.24 5.72 16.49
CA PRO A 246 27.42 6.27 17.83
C PRO A 246 26.62 7.57 18.07
N VAL A 247 26.38 8.37 17.04
CA VAL A 247 25.71 9.71 17.12
C VAL A 247 24.18 9.57 16.98
N GLU A 248 23.67 8.39 16.64
CA GLU A 248 22.20 8.17 16.65
C GLU A 248 21.84 7.78 18.07
N LYS A 249 20.58 7.93 18.43
CA LYS A 249 20.10 7.68 19.81
C LYS A 249 18.92 6.73 19.73
N PRO A 250 19.11 5.42 19.93
CA PRO A 250 17.98 4.49 19.94
C PRO A 250 16.91 4.83 20.98
N LEU A 251 15.64 4.55 20.64
CA LEU A 251 14.47 4.65 21.53
C LEU A 251 13.87 3.26 21.81
N PHE A 252 13.65 2.41 20.80
CA PHE A 252 13.03 1.07 20.95
C PHE A 252 13.63 0.15 19.88
N GLN A 253 13.70 -1.15 20.14
CA GLN A 253 14.01 -2.14 19.09
C GLN A 253 12.73 -2.86 18.68
N LEU A 254 12.61 -3.17 17.40
CA LEU A 254 11.47 -3.95 16.87
C LEU A 254 11.95 -5.41 16.82
N VAL A 255 11.30 -6.29 17.57
CA VAL A 255 11.80 -7.65 17.87
C VAL A 255 11.14 -8.71 17.00
N TRP A 256 9.82 -8.66 16.83
CA TRP A 256 9.01 -9.76 16.27
C TRP A 256 7.67 -9.16 15.87
N THR A 257 7.07 -9.63 14.80
CA THR A 257 5.76 -9.08 14.36
C THR A 257 4.82 -10.20 13.95
N ALA A 258 3.52 -9.91 13.94
CA ALA A 258 2.50 -10.85 13.47
C ALA A 258 1.32 -10.03 13.00
N GLN A 259 0.57 -10.58 12.07
CA GLN A 259 -0.73 -10.04 11.66
C GLN A 259 -1.69 -11.23 11.66
N THR A 260 -2.92 -11.06 12.13
CA THR A 260 -3.89 -12.17 12.06
C THR A 260 -5.31 -11.62 11.85
N ILE A 261 -6.16 -12.47 11.28
CA ILE A 261 -7.61 -12.24 11.11
C ILE A 261 -8.30 -13.02 12.23
N LEU A 262 -9.11 -12.34 13.03
CA LEU A 262 -9.80 -13.06 14.15
C LEU A 262 -10.89 -13.98 13.59
N PRO A 263 -11.07 -15.17 14.20
CA PRO A 263 -12.18 -16.04 13.85
C PRO A 263 -13.52 -15.37 14.17
N ASP A 264 -14.52 -15.68 13.35
CA ASP A 264 -15.94 -15.29 13.51
C ASP A 264 -16.04 -13.76 13.53
N SER A 265 -15.19 -13.04 12.79
CA SER A 265 -15.18 -11.56 12.83
C SER A 265 -15.58 -10.95 11.47
N GLU A 266 -16.12 -11.75 10.54
CA GLU A 266 -16.43 -11.28 9.16
C GLU A 266 -17.37 -10.08 9.23
N GLY A 267 -17.04 -8.98 8.57
CA GLY A 267 -17.93 -7.81 8.54
C GLY A 267 -17.91 -6.97 9.80
N ALA A 268 -17.05 -7.22 10.78
CA ALA A 268 -17.05 -6.46 12.06
C ALA A 268 -16.81 -4.97 11.79
N ILE A 269 -15.82 -4.65 10.95
CA ILE A 269 -15.52 -3.25 10.55
C ILE A 269 -15.33 -3.20 9.03
N ASP A 270 -16.27 -2.59 8.34
CA ASP A 270 -16.19 -2.37 6.86
C ASP A 270 -16.13 -0.86 6.64
N GLY A 271 -15.38 -0.44 5.64
CA GLY A 271 -15.36 0.95 5.22
C GLY A 271 -15.33 0.99 3.71
N HIS A 272 -16.23 1.74 3.10
CA HIS A 272 -16.41 1.77 1.63
C HIS A 272 -16.14 3.20 1.16
N LEU A 273 -15.31 3.36 0.13
CA LEU A 273 -15.08 4.70 -0.46
C LEU A 273 -16.07 4.86 -1.60
N ARG A 274 -17.05 5.74 -1.39
CA ARG A 274 -18.19 5.94 -2.31
C ARG A 274 -18.28 7.40 -2.74
N GLU A 275 -19.27 7.72 -3.57
CA GLU A 275 -19.51 9.12 -3.98
C GLU A 275 -19.81 10.00 -2.75
N VAL A 276 -20.35 9.46 -1.67
CA VAL A 276 -20.65 10.23 -0.42
C VAL A 276 -19.41 10.32 0.49
N GLY A 277 -18.25 9.83 0.07
CA GLY A 277 -17.05 9.75 0.90
C GLY A 277 -16.84 8.37 1.50
N LEU A 278 -16.05 8.31 2.56
CA LEU A 278 -15.73 7.05 3.25
C LEU A 278 -16.81 6.80 4.30
N THR A 279 -17.44 5.63 4.22
CA THR A 279 -18.56 5.21 5.10
C THR A 279 -18.03 4.07 5.97
N PHE A 280 -18.42 4.07 7.24
CA PHE A 280 -17.90 3.21 8.33
C PHE A 280 -19.09 2.34 8.77
N HIS A 281 -18.96 1.01 8.75
CA HIS A 281 -20.03 0.02 9.12
C HIS A 281 -19.49 -0.91 10.22
N LEU A 282 -20.28 -1.11 11.28
CA LEU A 282 -19.97 -2.00 12.43
C LEU A 282 -21.01 -3.13 12.46
N LEU A 283 -20.54 -4.37 12.54
CA LEU A 283 -21.37 -5.52 12.94
C LEU A 283 -20.64 -6.15 14.11
N LYS A 284 -21.29 -7.10 14.76
CA LYS A 284 -20.66 -7.95 15.76
C LYS A 284 -20.16 -7.11 16.93
N ASP A 285 -19.38 -7.70 17.81
CA ASP A 285 -18.95 -7.06 19.07
C ASP A 285 -17.42 -6.95 18.99
N VAL A 286 -16.93 -5.81 18.53
CA VAL A 286 -15.47 -5.60 18.29
C VAL A 286 -14.74 -5.74 19.61
N PRO A 287 -15.10 -5.04 20.72
CA PRO A 287 -14.40 -5.22 21.98
C PRO A 287 -14.38 -6.67 22.44
N GLY A 288 -15.50 -7.38 22.31
CA GLY A 288 -15.61 -8.80 22.68
C GLY A 288 -14.70 -9.68 21.86
N LEU A 289 -14.65 -9.49 20.54
CA LEU A 289 -13.81 -10.34 19.64
C LEU A 289 -12.33 -10.09 19.95
N ILE A 290 -11.93 -8.84 20.09
CA ILE A 290 -10.51 -8.55 20.45
C ILE A 290 -10.17 -9.19 21.81
N SER A 291 -10.98 -8.95 22.84
CA SER A 291 -10.76 -9.47 24.21
C SER A 291 -10.69 -10.99 24.21
N LYS A 292 -11.56 -11.63 23.45
CA LYS A 292 -11.62 -13.11 23.39
C LYS A 292 -10.32 -13.68 22.80
N ASN A 293 -9.64 -12.93 21.91
CA ASN A 293 -8.52 -13.47 21.09
C ASN A 293 -7.16 -12.92 21.55
N ILE A 294 -7.12 -12.00 22.52
CA ILE A 294 -5.88 -11.22 22.81
C ILE A 294 -4.88 -12.11 23.54
N GLU A 295 -5.34 -13.04 24.38
CA GLU A 295 -4.35 -13.89 25.09
C GLU A 295 -3.61 -14.78 24.07
N LYS A 296 -4.29 -15.32 23.06
CA LYS A 296 -3.64 -16.17 22.02
C LYS A 296 -2.55 -15.35 21.29
N ALA A 297 -2.82 -14.08 20.97
CA ALA A 297 -1.84 -13.18 20.33
C ALA A 297 -0.63 -12.97 21.26
N LEU A 298 -0.85 -12.74 22.55
CA LEU A 298 0.25 -12.55 23.54
C LEU A 298 1.08 -13.82 23.67
N VAL A 299 0.44 -14.99 23.76
CA VAL A 299 1.16 -16.28 23.94
C VAL A 299 2.09 -16.49 22.72
N GLU A 300 1.60 -16.22 21.53
CA GLU A 300 2.39 -16.41 20.28
C GLU A 300 3.61 -15.49 20.31
N ALA A 301 3.42 -14.26 20.72
CA ALA A 301 4.49 -13.25 20.78
C ALA A 301 5.49 -13.54 21.91
N PHE A 302 5.03 -13.89 23.12
CA PHE A 302 5.87 -13.82 24.36
C PHE A 302 6.34 -15.17 24.93
N GLN A 303 5.68 -16.28 24.64
N GLN A 303 5.62 -16.27 24.66
CA GLN A 303 6.11 -17.59 25.18
CA GLN A 303 6.01 -17.68 25.04
C GLN A 303 7.48 -18.00 24.63
C GLN A 303 7.48 -17.87 24.66
N PRO A 304 7.88 -17.66 23.39
CA PRO A 304 9.27 -17.89 22.96
C PRO A 304 10.30 -17.02 23.69
N LEU A 305 9.89 -15.90 24.26
CA LEU A 305 10.78 -15.02 25.02
C LEU A 305 10.79 -15.47 26.49
N GLY A 306 10.00 -16.48 26.84
CA GLY A 306 9.83 -16.90 28.26
C GLY A 306 9.06 -15.89 29.10
N ILE A 307 8.11 -15.14 28.53
CA ILE A 307 7.27 -14.16 29.27
C ILE A 307 5.80 -14.59 29.28
N SER A 308 5.18 -14.66 30.46
CA SER A 308 3.75 -15.00 30.62
C SER A 308 3.04 -14.01 31.54
N ASP A 309 3.76 -13.10 32.20
CA ASP A 309 3.17 -12.04 33.06
C ASP A 309 2.95 -10.77 32.23
N TYR A 310 1.71 -10.48 31.82
CA TYR A 310 1.42 -9.36 30.86
C TYR A 310 1.38 -8.03 31.61
N ASN A 311 1.46 -8.06 32.94
CA ASN A 311 1.67 -6.85 33.77
C ASN A 311 3.16 -6.50 33.84
N SER A 312 4.07 -7.34 33.34
CA SER A 312 5.54 -7.13 33.43
C SER A 312 6.09 -6.49 32.14
N ILE A 313 5.23 -6.25 31.14
CA ILE A 313 5.64 -5.61 29.86
C ILE A 313 4.96 -4.25 29.74
N PHE A 314 5.53 -3.35 28.96
CA PHE A 314 4.85 -2.08 28.62
C PHE A 314 3.89 -2.32 27.45
N TRP A 315 2.82 -1.52 27.42
CA TRP A 315 1.65 -1.69 26.52
C TRP A 315 1.42 -0.44 25.66
N ILE A 316 1.22 -0.70 24.38
CA ILE A 316 0.67 0.29 23.42
C ILE A 316 -0.48 -0.40 22.71
N ALA A 317 -1.71 0.05 22.86
CA ALA A 317 -2.86 -0.59 22.19
C ALA A 317 -3.60 0.47 21.39
N HIS A 318 -3.98 0.18 20.16
CA HIS A 318 -4.78 1.13 19.38
C HIS A 318 -6.08 1.41 20.12
N PRO A 319 -6.36 2.67 20.51
CA PRO A 319 -7.59 3.00 21.24
C PRO A 319 -8.80 3.19 20.32
N GLY A 320 -9.21 2.11 19.65
CA GLY A 320 -10.31 2.09 18.69
C GLY A 320 -11.52 2.77 19.33
N GLY A 321 -11.81 2.44 20.58
CA GLY A 321 -12.70 3.17 21.47
C GLY A 321 -12.40 2.72 22.90
N PRO A 322 -13.02 3.35 23.91
CA PRO A 322 -12.71 2.98 25.30
C PRO A 322 -13.14 1.55 25.68
N ALA A 323 -14.19 0.98 25.05
CA ALA A 323 -14.68 -0.38 25.38
C ALA A 323 -13.63 -1.42 25.06
N ILE A 324 -12.92 -1.26 23.96
CA ILE A 324 -11.81 -2.20 23.62
C ILE A 324 -10.80 -2.24 24.77
N LEU A 325 -10.37 -1.07 25.25
CA LEU A 325 -9.32 -0.99 26.31
C LEU A 325 -9.89 -1.59 27.61
N ASP A 326 -11.13 -1.23 27.97
CA ASP A 326 -11.76 -1.70 29.22
C ASP A 326 -11.86 -3.22 29.18
N GLN A 327 -12.28 -3.79 28.06
CA GLN A 327 -12.54 -5.25 28.01
C GLN A 327 -11.22 -6.02 27.92
N VAL A 328 -10.18 -5.50 27.28
CA VAL A 328 -8.86 -6.21 27.27
C VAL A 328 -8.28 -6.19 28.68
N GLU A 329 -8.37 -5.04 29.35
CA GLU A 329 -7.87 -4.85 30.74
C GLU A 329 -8.57 -5.85 31.69
N ALA A 330 -9.88 -5.96 31.60
CA ALA A 330 -10.70 -6.85 32.45
C ALA A 330 -10.40 -8.32 32.11
N LYS A 331 -10.33 -8.70 30.84
CA LYS A 331 -10.05 -10.07 30.42
C LYS A 331 -8.69 -10.55 30.97
N LEU A 332 -7.64 -9.77 30.79
CA LEU A 332 -6.25 -10.19 31.17
C LEU A 332 -5.94 -9.90 32.64
N GLY A 333 -6.69 -9.00 33.26
CA GLY A 333 -6.36 -8.49 34.61
C GLY A 333 -5.18 -7.56 34.54
N LEU A 334 -5.17 -6.65 33.58
CA LEU A 334 -4.10 -5.63 33.55
C LEU A 334 -4.35 -4.67 34.72
N LYS A 335 -3.28 -4.31 35.40
CA LYS A 335 -3.28 -3.21 36.40
C LYS A 335 -3.61 -1.90 35.68
N PRO A 336 -4.23 -0.93 36.36
CA PRO A 336 -4.70 0.29 35.70
C PRO A 336 -3.59 1.16 35.10
N GLU A 337 -2.33 0.97 35.51
CA GLU A 337 -1.18 1.72 34.99
C GLU A 337 -0.89 1.29 33.53
N LYS A 338 -1.23 0.06 33.13
CA LYS A 338 -0.72 -0.53 31.85
C LYS A 338 -1.25 0.29 30.67
N MET A 339 -2.51 0.66 30.74
CA MET A 339 -3.19 1.38 29.62
C MET A 339 -3.03 2.90 29.75
N GLU A 340 -2.23 3.43 30.69
CA GLU A 340 -2.13 4.89 30.98
C GLU A 340 -1.71 5.69 29.72
N ALA A 341 -0.60 5.35 29.06
CA ALA A 341 -0.14 6.11 27.88
C ALA A 341 -1.21 6.06 26.76
N THR A 342 -1.82 4.89 26.58
CA THR A 342 -2.83 4.62 25.54
C THR A 342 -4.03 5.53 25.81
N ARG A 343 -4.50 5.52 27.05
N ARG A 343 -4.50 5.54 27.05
CA ARG A 343 -5.68 6.31 27.49
CA ARG A 343 -5.70 6.33 27.42
C ARG A 343 -5.37 7.81 27.39
C ARG A 343 -5.38 7.82 27.41
N HIS A 344 -4.14 8.21 27.68
CA HIS A 344 -3.69 9.62 27.59
C HIS A 344 -3.84 10.15 26.15
N VAL A 345 -3.40 9.38 25.15
CA VAL A 345 -3.54 9.76 23.73
C VAL A 345 -5.02 9.76 23.35
N LEU A 346 -5.80 8.75 23.74
CA LEU A 346 -7.25 8.77 23.43
C LEU A 346 -7.87 10.05 24.01
N SER A 347 -7.52 10.42 25.25
CA SER A 347 -8.07 11.61 25.95
C SER A 347 -7.71 12.92 25.20
N GLU A 348 -6.47 13.07 24.78
CA GLU A 348 -5.94 14.34 24.22
C GLU A 348 -6.13 14.43 22.71
N TYR A 349 -6.38 13.34 22.00
CA TYR A 349 -6.34 13.34 20.51
C TYR A 349 -7.48 12.57 19.85
N GLY A 350 -8.18 11.71 20.57
CA GLY A 350 -9.12 10.76 20.01
C GLY A 350 -8.45 9.68 19.17
N ASN A 351 -9.24 8.98 18.41
CA ASN A 351 -8.82 7.87 17.54
C ASN A 351 -8.28 8.46 16.23
N MET A 352 -6.98 8.53 16.06
CA MET A 352 -6.36 9.05 14.81
C MET A 352 -5.98 7.93 13.85
N SER A 353 -6.75 6.84 13.83
CA SER A 353 -6.56 5.64 12.97
C SER A 353 -5.08 5.18 13.03
N SER A 354 -4.42 5.01 11.90
CA SER A 354 -3.05 4.40 11.87
C SER A 354 -2.02 5.18 12.72
N ALA A 355 -2.15 6.50 12.91
CA ALA A 355 -1.14 7.33 13.61
C ALA A 355 -1.14 7.11 15.12
N CYS A 356 -2.22 6.58 15.66
N CYS A 356 -2.26 6.70 15.72
CA CYS A 356 -2.50 6.61 17.12
CA CYS A 356 -2.41 6.64 17.21
C CYS A 356 -1.44 5.85 17.94
C CYS A 356 -1.25 5.92 17.88
N VAL A 357 -1.00 4.67 17.50
CA VAL A 357 0.01 3.86 18.24
C VAL A 357 1.36 4.56 18.19
N LEU A 358 1.65 5.40 17.20
CA LEU A 358 2.94 6.11 17.15
C LEU A 358 2.89 7.29 18.12
N PHE A 359 1.75 7.97 18.25
CA PHE A 359 1.55 8.98 19.30
C PHE A 359 1.77 8.34 20.67
N ILE A 360 1.26 7.12 20.86
CA ILE A 360 1.33 6.44 22.17
C ILE A 360 2.79 6.03 22.47
N LEU A 361 3.55 5.61 21.46
CA LEU A 361 4.98 5.26 21.66
C LEU A 361 5.71 6.54 22.09
N ASP A 362 5.40 7.66 21.46
CA ASP A 362 6.00 8.96 21.84
C ASP A 362 5.62 9.31 23.28
N GLN A 363 4.34 9.21 23.63
CA GLN A 363 3.84 9.56 24.97
C GLN A 363 4.57 8.71 26.05
N MET A 364 4.76 7.43 25.79
CA MET A 364 5.40 6.52 26.75
C MET A 364 6.86 6.90 26.97
N ARG A 365 7.61 7.20 25.89
CA ARG A 365 9.01 7.71 25.99
C ARG A 365 8.98 9.01 26.79
N LYS A 366 8.08 9.95 26.47
CA LYS A 366 8.05 11.29 27.11
C LYS A 366 7.79 11.16 28.63
N LYS A 367 6.84 10.31 29.02
CA LYS A 367 6.47 10.17 30.45
C LYS A 367 7.61 9.46 31.19
N SER A 368 8.24 8.47 30.55
CA SER A 368 9.41 7.77 31.09
C SER A 368 10.52 8.79 31.41
N ILE A 369 10.79 9.72 30.51
CA ILE A 369 11.82 10.77 30.75
C ILE A 369 11.34 11.64 31.92
N GLU A 370 10.10 12.10 31.87
CA GLU A 370 9.59 13.10 32.85
C GLU A 370 9.69 12.52 34.25
N ASN A 371 9.39 11.23 34.41
CA ASN A 371 9.25 10.58 35.75
C ASN A 371 10.57 9.93 36.13
N GLY A 372 11.64 10.16 35.37
CA GLY A 372 12.96 9.60 35.70
C GLY A 372 12.99 8.08 35.76
N LEU A 373 12.26 7.39 34.89
CA LEU A 373 12.24 5.90 34.86
C LEU A 373 13.46 5.34 34.12
N GLY A 374 13.77 4.08 34.35
CA GLY A 374 15.07 3.56 33.89
C GLY A 374 15.15 3.26 32.38
N THR A 375 14.01 3.23 31.67
CA THR A 375 13.96 2.82 30.23
C THR A 375 12.88 3.66 29.55
N THR A 376 12.91 3.72 28.22
CA THR A 376 11.87 4.39 27.39
C THR A 376 10.51 3.68 27.52
N GLY A 377 10.48 2.43 28.04
CA GLY A 377 9.26 1.59 28.22
C GLY A 377 8.81 1.61 29.68
N GLU A 378 8.73 2.79 30.32
CA GLU A 378 8.20 2.92 31.70
C GLU A 378 9.07 2.12 32.69
N GLY A 379 10.38 2.00 32.43
CA GLY A 379 11.32 1.25 33.26
C GLY A 379 11.29 -0.25 33.03
N LEU A 380 10.44 -0.77 32.13
CA LEU A 380 10.36 -2.21 31.79
C LEU A 380 11.20 -2.51 30.54
N ASP A 381 11.55 -3.77 30.33
CA ASP A 381 12.44 -4.15 29.20
C ASP A 381 11.64 -4.46 27.93
N TRP A 382 10.58 -5.25 28.05
CA TRP A 382 9.84 -5.78 26.90
C TRP A 382 8.48 -5.11 26.85
N GLY A 383 7.90 -4.99 25.67
CA GLY A 383 6.63 -4.30 25.44
C GLY A 383 5.90 -4.89 24.25
N VAL A 384 4.64 -4.53 24.11
CA VAL A 384 3.79 -5.01 22.97
C VAL A 384 3.05 -3.79 22.43
N LEU A 385 2.95 -3.73 21.11
CA LEU A 385 2.11 -2.75 20.40
C LEU A 385 1.10 -3.53 19.59
N PHE A 386 -0.16 -3.14 19.70
CA PHE A 386 -1.30 -3.75 19.02
C PHE A 386 -1.99 -2.72 18.14
N GLY A 387 -2.23 -3.09 16.89
CA GLY A 387 -3.16 -2.38 16.02
C GLY A 387 -4.39 -3.23 15.81
N PHE A 388 -5.55 -2.60 15.78
CA PHE A 388 -6.83 -3.31 15.59
C PHE A 388 -7.60 -2.61 14.46
N GLY A 389 -8.18 -3.35 13.55
CA GLY A 389 -8.90 -2.69 12.45
C GLY A 389 -9.62 -3.69 11.57
N PRO A 390 -10.09 -3.25 10.39
CA PRO A 390 -10.91 -4.08 9.50
C PRO A 390 -10.32 -5.47 9.24
N GLY A 391 -11.17 -6.49 9.32
CA GLY A 391 -10.74 -7.88 9.12
C GLY A 391 -11.64 -8.88 9.82
N LEU A 392 -11.65 -8.90 11.16
CA LEU A 392 -11.01 -8.00 12.07
C LEU A 392 -9.53 -8.37 12.12
N THR A 393 -8.67 -7.41 11.79
CA THR A 393 -7.21 -7.59 11.76
C THR A 393 -6.62 -7.16 13.10
N VAL A 394 -5.75 -7.99 13.66
CA VAL A 394 -4.85 -7.59 14.78
C VAL A 394 -3.38 -7.64 14.31
N GLU A 395 -2.68 -6.54 14.46
CA GLU A 395 -1.21 -6.45 14.28
C GLU A 395 -0.57 -6.50 15.66
N THR A 396 0.48 -7.30 15.79
CA THR A 396 1.28 -7.40 17.01
C THR A 396 2.73 -7.05 16.68
N VAL A 397 3.31 -6.14 17.47
CA VAL A 397 4.76 -5.85 17.41
C VAL A 397 5.31 -6.00 18.83
N VAL A 398 6.29 -6.87 18.98
CA VAL A 398 7.10 -6.96 20.23
C VAL A 398 8.21 -5.91 20.17
N LEU A 399 8.34 -5.13 21.24
CA LEU A 399 9.30 -4.01 21.39
C LEU A 399 10.24 -4.36 22.53
N ARG A 400 11.47 -3.85 22.42
CA ARG A 400 12.42 -3.76 23.53
C ARG A 400 12.69 -2.28 23.77
N SER A 401 12.63 -1.85 25.04
CA SER A 401 12.97 -0.48 25.47
C SER A 401 14.49 -0.27 25.39
N VAL A 402 14.92 0.97 25.57
CA VAL A 402 16.35 1.36 25.68
C VAL A 402 16.56 1.99 27.06
N THR A 403 17.72 1.80 27.67
CA THR A 403 18.01 2.42 28.99
C THR A 403 18.17 3.94 28.85
N LEU A 404 17.66 4.68 29.83
CA LEU A 404 17.73 6.15 29.93
C LEU A 404 18.92 6.53 30.83
N HIS B 16 18.36 -19.61 30.77
CA HIS B 16 18.96 -18.81 29.63
C HIS B 16 17.97 -17.71 29.20
N MET B 17 18.41 -16.45 29.22
CA MET B 17 17.58 -15.28 28.85
C MET B 17 17.78 -15.00 27.36
N VAL B 18 16.73 -15.13 26.56
CA VAL B 18 16.77 -14.88 25.07
C VAL B 18 16.97 -13.38 24.86
N SER B 19 17.93 -13.00 24.01
CA SER B 19 18.26 -11.60 23.61
C SER B 19 17.71 -11.28 22.20
N VAL B 20 17.53 -10.00 21.88
CA VAL B 20 17.05 -9.57 20.54
C VAL B 20 18.06 -9.98 19.47
N GLU B 21 19.35 -9.88 19.75
CA GLU B 21 20.43 -10.27 18.82
C GLU B 21 20.36 -11.77 18.49
N GLU B 22 20.07 -12.61 19.48
N GLU B 22 20.00 -12.63 19.44
CA GLU B 22 19.86 -14.08 19.32
CA GLU B 22 19.90 -14.10 19.22
C GLU B 22 18.66 -14.29 18.37
C GLU B 22 18.60 -14.43 18.45
N ILE B 23 17.53 -13.68 18.71
CA ILE B 23 16.29 -13.83 17.91
C ILE B 23 16.60 -13.45 16.45
N ARG B 24 17.28 -12.33 16.25
CA ARG B 24 17.55 -11.77 14.89
C ARG B 24 18.35 -12.80 14.09
N LYS B 25 19.41 -13.32 14.68
CA LYS B 25 20.31 -14.31 14.03
C LYS B 25 19.51 -15.56 13.63
N ALA B 26 18.59 -16.06 14.47
CA ALA B 26 17.79 -17.26 14.21
C ALA B 26 16.69 -16.99 13.16
N GLN B 27 16.22 -15.74 13.03
CA GLN B 27 14.98 -15.34 12.29
C GLN B 27 15.25 -15.13 10.79
N ARG B 28 16.49 -14.79 10.38
CA ARG B 28 16.78 -14.26 9.02
C ARG B 28 17.04 -15.40 8.04
N ALA B 29 16.76 -15.19 6.77
CA ALA B 29 17.04 -16.20 5.72
C ALA B 29 18.51 -16.04 5.28
N GLU B 30 19.02 -16.96 4.47
CA GLU B 30 20.46 -16.93 4.08
C GLU B 30 20.64 -16.38 2.66
N GLY B 31 19.89 -16.89 1.69
CA GLY B 31 20.18 -16.70 0.27
C GLY B 31 19.33 -15.62 -0.37
N PRO B 32 19.55 -15.34 -1.66
CA PRO B 32 18.78 -14.36 -2.42
C PRO B 32 17.33 -14.77 -2.63
N ALA B 33 16.47 -13.76 -2.69
CA ALA B 33 15.05 -13.95 -3.04
C ALA B 33 14.96 -14.55 -4.45
N THR B 34 14.14 -15.59 -4.57
CA THR B 34 14.03 -16.44 -5.76
C THR B 34 12.55 -16.49 -6.17
N VAL B 35 12.26 -16.16 -7.41
CA VAL B 35 10.96 -16.43 -8.06
C VAL B 35 10.85 -17.92 -8.37
N MET B 36 9.85 -18.57 -7.80
CA MET B 36 9.65 -20.04 -7.82
C MET B 36 8.38 -20.40 -8.62
N ALA B 37 7.55 -19.44 -9.06
CA ALA B 37 6.30 -19.70 -9.83
C ALA B 37 5.76 -18.39 -10.38
N ILE B 38 5.10 -18.47 -11.52
CA ILE B 38 4.36 -17.30 -12.10
C ILE B 38 3.09 -17.84 -12.68
N GLY B 39 1.97 -17.20 -12.42
CA GLY B 39 0.67 -17.57 -13.00
C GLY B 39 -0.02 -16.32 -13.48
N THR B 40 -0.82 -16.42 -14.54
CA THR B 40 -1.48 -15.23 -15.12
C THR B 40 -2.93 -15.56 -15.43
N ALA B 41 -3.79 -14.55 -15.51
CA ALA B 41 -5.23 -14.74 -15.77
C ALA B 41 -5.77 -13.47 -16.42
N THR B 42 -6.76 -13.63 -17.28
CA THR B 42 -7.44 -12.48 -17.91
C THR B 42 -8.92 -12.74 -17.88
N PRO B 43 -9.74 -11.67 -17.91
CA PRO B 43 -11.18 -11.83 -18.10
C PRO B 43 -11.44 -12.50 -19.46
N PRO B 44 -12.60 -13.15 -19.63
CA PRO B 44 -12.86 -13.94 -20.85
C PRO B 44 -13.16 -13.12 -22.12
N ASN B 45 -13.71 -11.92 -21.99
CA ASN B 45 -14.14 -11.10 -23.15
C ASN B 45 -12.92 -10.55 -23.87
N CYS B 46 -12.61 -11.13 -25.01
CA CYS B 46 -11.44 -10.74 -25.83
C CYS B 46 -11.88 -9.64 -26.79
N VAL B 47 -11.13 -8.54 -26.86
CA VAL B 47 -11.54 -7.33 -27.62
C VAL B 47 -10.50 -7.07 -28.71
N ASP B 48 -10.85 -7.33 -29.98
N ASP B 48 -10.93 -7.21 -29.97
CA ASP B 48 -9.93 -7.16 -31.14
CA ASP B 48 -10.12 -7.03 -31.21
C ASP B 48 -9.71 -5.66 -31.36
C ASP B 48 -9.73 -5.56 -31.36
N GLN B 49 -8.44 -5.22 -31.46
CA GLN B 49 -8.06 -3.79 -31.62
C GLN B 49 -8.58 -3.28 -32.98
N SER B 50 -8.59 -4.10 -34.03
CA SER B 50 -8.86 -3.61 -35.43
C SER B 50 -10.30 -3.08 -35.56
N THR B 51 -11.23 -3.55 -34.73
CA THR B 51 -12.67 -3.17 -34.74
C THR B 51 -13.01 -2.34 -33.48
N TYR B 52 -12.03 -1.96 -32.66
CA TYR B 52 -12.34 -1.31 -31.37
C TYR B 52 -12.90 0.08 -31.60
N PRO B 53 -12.39 0.91 -32.55
CA PRO B 53 -12.95 2.24 -32.75
C PRO B 53 -14.46 2.18 -33.02
N ASP B 54 -14.91 1.22 -33.83
CA ASP B 54 -16.35 1.09 -34.18
C ASP B 54 -17.15 0.65 -32.94
N TYR B 55 -16.69 -0.37 -32.23
CA TYR B 55 -17.33 -0.86 -30.97
C TYR B 55 -17.44 0.32 -29.97
N TYR B 56 -16.31 1.01 -29.70
CA TYR B 56 -16.19 2.04 -28.63
C TYR B 56 -17.08 3.25 -28.93
N PHE B 57 -17.08 3.74 -30.17
CA PHE B 57 -17.89 4.93 -30.54
C PHE B 57 -19.39 4.57 -30.50
N ARG B 58 -19.72 3.31 -30.78
CA ARG B 58 -21.12 2.83 -30.72
C ARG B 58 -21.61 2.72 -29.27
N ILE B 59 -20.88 2.05 -28.38
CA ILE B 59 -21.37 1.77 -27.00
CA ILE B 59 -21.37 1.76 -27.00
C ILE B 59 -21.41 3.06 -26.19
N THR B 60 -20.59 4.04 -26.56
CA THR B 60 -20.55 5.36 -25.89
C THR B 60 -21.46 6.36 -26.63
N ASN B 61 -22.28 5.92 -27.58
CA ASN B 61 -23.23 6.81 -28.33
C ASN B 61 -22.48 8.03 -28.88
N SER B 62 -21.38 7.84 -29.62
CA SER B 62 -20.48 8.92 -30.10
C SER B 62 -20.27 8.83 -31.62
N GLU B 63 -21.15 8.11 -32.32
CA GLU B 63 -20.96 7.79 -33.77
C GLU B 63 -20.92 9.10 -34.59
N HIS B 64 -21.69 10.12 -34.18
CA HIS B 64 -21.73 11.47 -34.82
C HIS B 64 -20.35 12.14 -34.82
N MET B 65 -19.44 11.81 -33.87
CA MET B 65 -18.11 12.48 -33.73
C MET B 65 -17.11 11.87 -34.72
N THR B 66 -17.28 12.05 -36.04
CA THR B 66 -16.53 11.31 -37.10
C THR B 66 -15.04 11.71 -37.08
N GLU B 67 -14.74 12.98 -36.89
CA GLU B 67 -13.34 13.48 -36.79
C GLU B 67 -12.64 12.86 -35.59
N LEU B 68 -13.31 12.78 -34.44
CA LEU B 68 -12.68 12.27 -33.19
C LEU B 68 -12.45 10.77 -33.38
N LYS B 69 -13.42 10.06 -33.96
CA LYS B 69 -13.30 8.62 -34.27
C LYS B 69 -12.08 8.38 -35.17
N GLU B 70 -11.78 9.27 -36.12
CA GLU B 70 -10.60 9.13 -37.02
C GLU B 70 -9.32 9.19 -36.19
N LYS B 71 -9.23 10.18 -35.29
CA LYS B 71 -8.09 10.36 -34.35
C LYS B 71 -7.92 9.08 -33.52
N PHE B 72 -9.03 8.52 -33.03
CA PHE B 72 -8.99 7.28 -32.20
C PHE B 72 -8.57 6.06 -33.04
N LYS B 73 -9.02 5.97 -34.29
CA LYS B 73 -8.57 4.89 -35.21
C LYS B 73 -7.05 4.96 -35.38
N ARG B 74 -6.48 6.15 -35.56
CA ARG B 74 -4.99 6.36 -35.67
C ARG B 74 -4.30 5.94 -34.36
N MET B 75 -4.86 6.29 -33.19
CA MET B 75 -4.31 5.84 -31.88
C MET B 75 -4.28 4.30 -31.82
N CYS B 76 -5.38 3.65 -32.17
CA CYS B 76 -5.49 2.18 -32.16
C CYS B 76 -4.51 1.58 -33.17
N ASP B 77 -4.45 2.14 -34.39
CA ASP B 77 -3.55 1.64 -35.47
C ASP B 77 -2.09 1.73 -35.03
N LYS B 78 -1.71 2.78 -34.30
CA LYS B 78 -0.32 3.04 -33.86
C LYS B 78 0.02 2.24 -32.58
N SER B 79 -0.96 1.70 -31.87
CA SER B 79 -0.80 1.14 -30.50
C SER B 79 0.10 -0.10 -30.52
N MET B 80 0.14 -0.84 -31.62
CA MET B 80 0.87 -2.14 -31.72
C MET B 80 0.22 -3.15 -30.76
N ILE B 81 -1.07 -2.95 -30.48
CA ILE B 81 -1.91 -3.91 -29.71
C ILE B 81 -2.83 -4.64 -30.70
N LYS B 82 -2.87 -5.97 -30.64
CA LYS B 82 -3.78 -6.78 -31.49
C LYS B 82 -5.08 -7.03 -30.73
N LYS B 83 -4.98 -7.29 -29.43
CA LYS B 83 -6.17 -7.59 -28.59
C LYS B 83 -5.87 -7.29 -27.13
N ARG B 84 -6.96 -7.11 -26.38
CA ARG B 84 -7.01 -6.86 -24.93
C ARG B 84 -8.20 -7.64 -24.38
N TYR B 85 -8.14 -7.97 -23.10
CA TYR B 85 -9.18 -8.71 -22.39
C TYR B 85 -9.84 -7.70 -21.48
N TYR B 87 -13.03 -7.14 -18.58
CA TYR B 87 -14.17 -7.47 -17.75
C TYR B 87 -15.43 -6.81 -18.34
N LEU B 88 -15.34 -5.55 -18.74
CA LEU B 88 -16.51 -4.80 -19.25
C LEU B 88 -16.92 -5.42 -20.58
N ASN B 89 -18.21 -5.63 -20.78
CA ASN B 89 -18.73 -6.11 -22.08
C ASN B 89 -19.99 -5.30 -22.41
N GLU B 90 -20.55 -5.54 -23.57
CA GLU B 90 -21.72 -4.76 -24.03
C GLU B 90 -22.85 -4.89 -23.01
N GLU B 91 -23.06 -6.06 -22.42
CA GLU B 91 -24.21 -6.29 -21.50
C GLU B 91 -24.03 -5.42 -20.25
N ILE B 92 -22.83 -5.46 -19.66
CA ILE B 92 -22.55 -4.70 -18.40
C ILE B 92 -22.65 -3.20 -18.70
N LEU B 93 -22.16 -2.76 -19.86
CA LEU B 93 -22.20 -1.31 -20.22
C LEU B 93 -23.65 -0.85 -20.41
N LYS B 94 -24.52 -1.70 -20.96
CA LYS B 94 -25.97 -1.38 -21.16
C LYS B 94 -26.64 -1.21 -19.80
N GLU B 95 -26.32 -2.08 -18.83
CA GLU B 95 -26.82 -2.02 -17.43
C GLU B 95 -26.24 -0.82 -16.67
N ASN B 96 -25.22 -0.13 -17.21
CA ASN B 96 -24.45 0.90 -16.45
C ASN B 96 -24.15 2.07 -17.38
N PRO B 97 -25.18 2.80 -17.87
CA PRO B 97 -24.97 3.88 -18.83
C PRO B 97 -24.11 5.04 -18.31
N SER B 98 -24.09 5.26 -16.98
CA SER B 98 -23.22 6.28 -16.32
C SER B 98 -21.75 6.01 -16.69
N VAL B 99 -21.36 4.76 -16.92
CA VAL B 99 -19.95 4.41 -17.25
C VAL B 99 -19.63 4.76 -18.72
N CYS B 100 -20.64 4.81 -19.59
CA CYS B 100 -20.49 5.08 -21.03
C CYS B 100 -20.41 6.58 -21.31
N ALA B 101 -20.86 7.42 -20.39
CA ALA B 101 -20.76 8.88 -20.54
C ALA B 101 -19.28 9.25 -20.40
N TYR B 102 -18.92 10.48 -20.79
CA TYR B 102 -17.58 11.08 -20.55
C TYR B 102 -17.44 11.35 -19.03
N MET B 103 -18.38 12.07 -18.41
CA MET B 103 -18.25 12.49 -16.98
C MET B 103 -19.61 12.49 -16.28
N ALA B 104 -20.34 11.39 -16.29
CA ALA B 104 -21.53 11.15 -15.45
C ALA B 104 -21.06 10.58 -14.11
N PRO B 105 -21.77 10.87 -13.00
CA PRO B 105 -21.43 10.25 -11.72
C PRO B 105 -21.49 8.74 -11.90
N SER B 106 -20.39 8.06 -11.57
CA SER B 106 -20.25 6.64 -11.91
C SER B 106 -19.32 5.87 -10.96
N LEU B 107 -18.70 6.52 -9.97
CA LEU B 107 -17.73 5.81 -9.09
C LEU B 107 -18.41 4.65 -8.36
N ASP B 108 -19.65 4.83 -7.89
CA ASP B 108 -20.32 3.76 -7.11
C ASP B 108 -20.52 2.52 -7.98
N ALA B 109 -20.98 2.69 -9.22
CA ALA B 109 -21.13 1.59 -10.19
C ALA B 109 -19.77 0.91 -10.45
N ARG B 110 -18.71 1.69 -10.61
CA ARG B 110 -17.35 1.14 -10.92
C ARG B 110 -16.81 0.38 -9.70
N GLN B 111 -16.92 0.95 -8.50
CA GLN B 111 -16.50 0.26 -7.25
C GLN B 111 -17.25 -1.08 -7.10
N ASP B 112 -18.58 -1.09 -7.30
CA ASP B 112 -19.40 -2.32 -7.15
C ASP B 112 -18.83 -3.42 -8.06
N MET B 113 -18.29 -3.06 -9.22
CA MET B 113 -17.67 -4.04 -10.15
C MET B 113 -16.30 -4.45 -9.56
N VAL B 114 -15.41 -3.50 -9.33
CA VAL B 114 -13.96 -3.86 -9.15
C VAL B 114 -13.67 -4.39 -7.74
N VAL B 115 -14.47 -4.06 -6.72
N VAL B 115 -14.44 -4.06 -6.69
CA VAL B 115 -14.21 -4.56 -5.34
CA VAL B 115 -14.12 -4.61 -5.33
C VAL B 115 -14.43 -6.08 -5.29
C VAL B 115 -14.36 -6.12 -5.33
N VAL B 116 -15.23 -6.62 -6.21
CA VAL B 116 -15.44 -8.08 -6.40
C VAL B 116 -14.46 -8.67 -7.45
N GLU B 117 -14.34 -8.05 -8.62
N GLU B 117 -14.39 -8.08 -8.64
CA GLU B 117 -13.65 -8.65 -9.78
CA GLU B 117 -13.65 -8.66 -9.79
C GLU B 117 -12.12 -8.59 -9.63
C GLU B 117 -12.15 -8.70 -9.47
N VAL B 118 -11.59 -7.65 -8.85
CA VAL B 118 -10.12 -7.54 -8.72
C VAL B 118 -9.58 -8.73 -7.93
N PRO B 119 -10.10 -9.05 -6.74
CA PRO B 119 -9.69 -10.24 -6.01
C PRO B 119 -10.06 -11.54 -6.73
N LYS B 120 -11.17 -11.57 -7.46
CA LYS B 120 -11.57 -12.81 -8.18
C LYS B 120 -10.54 -13.15 -9.25
N LEU B 121 -10.13 -12.17 -10.05
CA LEU B 121 -9.14 -12.38 -11.13
C LEU B 121 -7.78 -12.69 -10.49
N GLY B 122 -7.47 -12.04 -9.37
CA GLY B 122 -6.26 -12.33 -8.60
C GLY B 122 -6.21 -13.78 -8.18
N LYS B 123 -7.35 -14.32 -7.71
CA LYS B 123 -7.40 -15.69 -7.21
C LYS B 123 -7.07 -16.63 -8.37
N GLU B 124 -7.61 -16.36 -9.56
N GLU B 124 -7.62 -16.40 -9.56
CA GLU B 124 -7.36 -17.18 -10.77
CA GLU B 124 -7.31 -17.28 -10.74
C GLU B 124 -5.85 -17.24 -11.04
C GLU B 124 -5.79 -17.29 -10.93
N ALA B 125 -5.13 -16.12 -10.91
CA ALA B 125 -3.67 -16.06 -11.19
C ALA B 125 -2.92 -16.77 -10.05
N ALA B 126 -3.37 -16.53 -8.82
CA ALA B 126 -2.71 -17.06 -7.62
C ALA B 126 -2.83 -18.61 -7.62
N THR B 127 -3.98 -19.17 -7.93
CA THR B 127 -4.18 -20.64 -7.98
C THR B 127 -3.16 -21.27 -8.94
N LYS B 128 -2.97 -20.64 -10.10
CA LYS B 128 -1.99 -21.10 -11.11
C LYS B 128 -0.55 -21.02 -10.60
N ALA B 129 -0.17 -19.93 -9.91
CA ALA B 129 1.18 -19.79 -9.32
C ALA B 129 1.35 -20.89 -8.28
N ILE B 130 0.34 -21.10 -7.43
CA ILE B 130 0.46 -22.08 -6.31
C ILE B 130 0.60 -23.49 -6.95
N LYS B 131 -0.15 -23.78 -7.99
CA LYS B 131 -0.07 -25.10 -8.69
C LYS B 131 1.36 -25.31 -9.19
N GLU B 132 1.94 -24.29 -9.86
CA GLU B 132 3.30 -24.40 -10.42
C GLU B 132 4.25 -24.68 -9.26
N TRP B 133 4.15 -23.91 -8.18
CA TRP B 133 5.08 -23.97 -7.03
C TRP B 133 5.09 -25.39 -6.45
N GLY B 134 3.91 -26.01 -6.30
CA GLY B 134 3.78 -27.45 -5.98
C GLY B 134 3.88 -27.71 -4.49
N GLN B 135 3.82 -26.66 -3.67
CA GLN B 135 3.85 -26.73 -2.19
C GLN B 135 2.46 -26.47 -1.64
N PRO B 136 2.23 -26.84 -0.37
CA PRO B 136 0.99 -26.52 0.29
C PRO B 136 0.82 -25.02 0.51
N LYS B 137 -0.38 -24.51 0.26
CA LYS B 137 -0.67 -23.07 0.41
C LYS B 137 -0.55 -22.65 1.88
N SER B 138 -0.65 -23.58 2.85
CA SER B 138 -0.40 -23.31 4.28
C SER B 138 1.03 -22.79 4.51
N LYS B 139 1.97 -23.01 3.59
CA LYS B 139 3.37 -22.56 3.73
C LYS B 139 3.54 -21.10 3.26
N ILE B 140 2.52 -20.49 2.69
CA ILE B 140 2.56 -19.03 2.34
C ILE B 140 2.53 -18.21 3.64
N THR B 141 3.55 -17.38 3.86
CA THR B 141 3.68 -16.60 5.12
C THR B 141 3.34 -15.13 4.90
N HIS B 142 3.44 -14.66 3.67
CA HIS B 142 3.27 -13.23 3.31
C HIS B 142 2.48 -13.14 2.01
N LEU B 143 1.61 -12.11 1.91
CA LEU B 143 0.79 -11.80 0.72
C LEU B 143 0.93 -10.33 0.36
N ILE B 144 1.36 -10.06 -0.86
CA ILE B 144 1.37 -8.67 -1.39
C ILE B 144 0.28 -8.63 -2.44
N PHE B 145 -0.70 -7.73 -2.29
CA PHE B 145 -1.78 -7.54 -3.28
C PHE B 145 -1.62 -6.13 -3.81
N CYS B 146 -1.53 -6.00 -5.12
CA CYS B 146 -1.31 -4.71 -5.80
C CYS B 146 -2.44 -4.48 -6.83
N THR B 147 -3.06 -3.30 -6.78
CA THR B 147 -4.05 -2.91 -7.81
C THR B 147 -4.04 -1.39 -7.98
N THR B 148 -4.51 -0.93 -9.13
CA THR B 148 -4.82 0.49 -9.44
C THR B 148 -6.33 0.62 -9.63
N SER B 149 -7.11 -0.43 -9.36
CA SER B 149 -8.54 -0.53 -9.69
C SER B 149 -9.41 -0.69 -8.43
N GLY B 150 -9.80 0.41 -7.85
CA GLY B 150 -10.77 0.41 -6.73
C GLY B 150 -10.05 0.35 -5.41
N VAL B 151 -10.76 0.63 -4.33
CA VAL B 151 -10.22 0.49 -2.96
C VAL B 151 -11.38 0.05 -2.09
N ASP B 152 -11.10 -0.62 -0.99
CA ASP B 152 -12.13 -1.07 -0.02
C ASP B 152 -11.46 -1.40 1.30
N MET B 153 -12.26 -1.53 2.35
CA MET B 153 -11.79 -1.95 3.70
C MET B 153 -12.78 -2.95 4.26
N PRO B 154 -12.35 -4.17 4.62
CA PRO B 154 -11.00 -4.66 4.37
C PRO B 154 -10.66 -4.72 2.87
N GLY B 155 -9.38 -4.85 2.56
CA GLY B 155 -8.92 -4.73 1.17
C GLY B 155 -9.00 -6.03 0.37
N ALA B 156 -8.58 -5.95 -0.89
CA ALA B 156 -8.47 -7.07 -1.83
C ALA B 156 -7.55 -8.15 -1.23
N ASP B 157 -6.57 -7.77 -0.41
CA ASP B 157 -5.63 -8.72 0.25
C ASP B 157 -6.42 -9.64 1.19
N TYR B 158 -7.32 -9.06 1.97
CA TYR B 158 -8.22 -9.82 2.88
C TYR B 158 -9.13 -10.71 2.03
N GLN B 159 -9.71 -10.16 0.97
CA GLN B 159 -10.67 -10.92 0.12
C GLN B 159 -9.94 -12.12 -0.48
N LEU B 160 -8.73 -11.94 -1.01
CA LEU B 160 -7.92 -13.03 -1.58
C LEU B 160 -7.59 -14.06 -0.52
N THR B 161 -7.19 -13.62 0.69
CA THR B 161 -6.85 -14.54 1.81
C THR B 161 -8.05 -15.49 2.04
N LYS B 162 -9.27 -14.97 2.02
CA LYS B 162 -10.49 -15.79 2.25
C LYS B 162 -10.76 -16.70 1.05
N LEU B 163 -10.71 -16.17 -0.17
CA LEU B 163 -10.99 -16.95 -1.41
C LEU B 163 -10.03 -18.13 -1.51
N LEU B 164 -8.74 -17.93 -1.19
CA LEU B 164 -7.71 -19.02 -1.31
C LEU B 164 -7.67 -19.90 -0.09
N GLY B 165 -8.24 -19.48 1.05
CA GLY B 165 -8.08 -20.21 2.33
C GLY B 165 -6.63 -20.20 2.79
N LEU B 166 -5.96 -19.05 2.73
CA LEU B 166 -4.59 -18.92 3.29
C LEU B 166 -4.71 -18.97 4.80
N ARG B 167 -3.61 -19.18 5.49
CA ARG B 167 -3.60 -19.07 6.97
C ARG B 167 -4.12 -17.71 7.39
N PRO B 168 -4.94 -17.61 8.46
CA PRO B 168 -5.40 -16.31 8.96
C PRO B 168 -4.25 -15.38 9.41
N SER B 169 -3.10 -15.97 9.75
N SER B 169 -3.09 -15.97 9.75
CA SER B 169 -1.87 -15.27 10.23
CA SER B 169 -1.88 -15.23 10.21
C SER B 169 -0.92 -14.91 9.07
C SER B 169 -0.92 -14.91 9.06
N VAL B 170 -1.38 -15.00 7.82
CA VAL B 170 -0.59 -14.50 6.66
C VAL B 170 -0.34 -12.99 6.86
N LYS B 171 0.90 -12.55 6.63
CA LYS B 171 1.29 -11.14 6.78
C LYS B 171 1.01 -10.42 5.45
N ARG B 172 0.08 -9.46 5.45
CA ARG B 172 -0.43 -8.87 4.20
C ARG B 172 0.11 -7.46 3.99
N TYR B 173 0.29 -7.11 2.72
CA TYR B 173 0.77 -5.80 2.24
C TYR B 173 -0.19 -5.41 1.13
N MET B 174 -1.09 -4.48 1.43
CA MET B 174 -2.16 -4.06 0.49
C MET B 174 -1.69 -2.79 -0.21
N MET B 175 -1.45 -2.88 -1.53
N MET B 175 -1.30 -2.93 -1.49
CA MET B 175 -0.83 -1.82 -2.35
CA MET B 175 -0.85 -1.86 -2.39
C MET B 175 -1.86 -1.28 -3.34
C MET B 175 -2.04 -1.41 -3.23
N TYR B 176 -2.59 -0.24 -2.89
CA TYR B 176 -3.71 0.40 -3.64
C TYR B 176 -3.19 1.62 -4.41
N GLN B 177 -3.84 1.85 -5.57
CA GLN B 177 -3.77 3.07 -6.39
C GLN B 177 -2.31 3.33 -6.77
N GLN B 178 -1.59 2.29 -7.14
CA GLN B 178 -0.11 2.35 -7.33
C GLN B 178 0.23 2.88 -8.74
N GLY B 179 -0.48 2.40 -9.77
CA GLY B 179 -0.18 2.61 -11.19
C GLY B 179 0.92 1.73 -11.76
N PHE B 181 4.14 1.46 -12.51
CA PHE B 181 5.49 1.05 -12.12
C PHE B 181 5.46 -0.06 -11.07
N ALA B 182 4.29 -0.38 -10.52
CA ALA B 182 4.21 -1.18 -9.28
C ALA B 182 4.52 -2.69 -9.49
N GLY B 183 4.59 -3.20 -10.72
CA GLY B 183 5.09 -4.57 -10.95
C GLY B 183 6.52 -4.64 -10.48
N GLY B 184 7.29 -3.55 -10.65
CA GLY B 184 8.62 -3.42 -10.04
C GLY B 184 8.56 -3.33 -8.51
N THR B 185 7.65 -2.50 -8.00
CA THR B 185 7.52 -2.26 -6.54
C THR B 185 7.25 -3.58 -5.82
N VAL B 186 6.37 -4.42 -6.35
CA VAL B 186 5.97 -5.64 -5.58
C VAL B 186 7.18 -6.59 -5.53
N LEU B 187 8.03 -6.62 -6.55
CA LEU B 187 9.25 -7.48 -6.53
C LEU B 187 10.26 -6.88 -5.56
N ARG B 188 10.41 -5.56 -5.53
CA ARG B 188 11.30 -4.86 -4.56
C ARG B 188 10.86 -5.17 -3.12
N LEU B 189 9.57 -5.10 -2.83
CA LEU B 189 9.03 -5.48 -1.49
C LEU B 189 9.23 -6.99 -1.22
N ALA B 190 8.85 -7.85 -2.15
CA ALA B 190 8.92 -9.30 -1.91
C ALA B 190 10.37 -9.70 -1.64
N LYS B 191 11.31 -9.08 -2.34
CA LYS B 191 12.74 -9.38 -2.09
C LYS B 191 13.11 -9.23 -0.59
N ASP B 192 12.72 -8.12 0.05
CA ASP B 192 13.08 -7.89 1.46
C ASP B 192 12.28 -8.83 2.38
N LEU B 193 11.02 -9.12 2.06
CA LEU B 193 10.21 -10.02 2.92
C LEU B 193 10.84 -11.42 2.90
N ALA B 194 11.20 -11.92 1.72
CA ALA B 194 11.74 -13.29 1.61
C ALA B 194 13.12 -13.34 2.28
N GLU B 195 13.98 -12.34 2.05
CA GLU B 195 15.40 -12.42 2.47
C GLU B 195 15.56 -12.27 3.99
N ASN B 196 14.69 -11.51 4.64
CA ASN B 196 14.83 -11.15 6.06
C ASN B 196 14.13 -12.17 6.96
N ASN B 197 13.49 -13.20 6.40
CA ASN B 197 12.59 -14.09 7.20
C ASN B 197 12.77 -15.55 6.78
N LYS B 198 13.50 -16.30 7.60
CA LYS B 198 13.77 -17.74 7.38
C LYS B 198 12.43 -18.45 7.16
N GLY B 199 12.32 -19.18 6.05
CA GLY B 199 11.12 -19.98 5.74
C GLY B 199 10.08 -19.17 4.99
N ALA B 200 10.23 -17.85 4.90
CA ALA B 200 9.13 -17.01 4.36
C ALA B 200 8.88 -17.41 2.91
N ARG B 201 7.61 -17.52 2.53
CA ARG B 201 7.18 -17.71 1.12
C ARG B 201 6.15 -16.64 0.86
N VAL B 202 6.42 -15.82 -0.14
CA VAL B 202 5.64 -14.61 -0.44
C VAL B 202 4.81 -14.83 -1.68
N LEU B 203 3.48 -14.75 -1.54
CA LEU B 203 2.60 -14.73 -2.69
C LEU B 203 2.42 -13.25 -3.07
N VAL B 204 2.67 -12.97 -4.33
CA VAL B 204 2.58 -11.61 -4.93
C VAL B 204 1.49 -11.62 -5.99
N VAL B 205 0.50 -10.76 -5.87
CA VAL B 205 -0.61 -10.71 -6.87
C VAL B 205 -0.82 -9.26 -7.31
N CYS B 206 -0.74 -9.02 -8.62
CA CYS B 206 -1.13 -7.74 -9.25
C CYS B 206 -2.38 -8.02 -10.08
N SER B 207 -3.45 -7.27 -9.87
CA SER B 207 -4.75 -7.52 -10.56
C SER B 207 -5.36 -6.19 -10.96
N GLU B 208 -5.59 -5.98 -12.26
CA GLU B 208 -5.97 -4.67 -12.84
C GLU B 208 -7.21 -4.81 -13.72
N ILE B 209 -8.23 -3.99 -13.47
CA ILE B 209 -9.54 -4.03 -14.19
C ILE B 209 -9.89 -2.61 -14.66
N THR B 210 -9.96 -2.41 -15.97
CA THR B 210 -10.17 -1.07 -16.58
C THR B 210 -11.58 -0.54 -16.38
N ALA B 211 -12.45 -1.21 -15.62
CA ALA B 211 -13.80 -0.69 -15.34
C ALA B 211 -13.74 0.64 -14.55
N VAL B 212 -12.64 0.93 -13.86
N VAL B 212 -12.64 0.95 -13.88
CA VAL B 212 -12.48 2.20 -13.08
CA VAL B 212 -12.54 2.21 -13.08
C VAL B 212 -12.29 3.38 -14.05
C VAL B 212 -12.13 3.38 -13.97
N THR B 213 -11.69 3.12 -15.21
CA THR B 213 -11.15 4.18 -16.13
C THR B 213 -11.90 4.29 -17.46
N PHE B 214 -12.62 3.27 -17.87
CA PHE B 214 -13.40 3.31 -19.13
C PHE B 214 -14.37 4.50 -19.08
N ARG B 215 -14.40 5.31 -20.13
CA ARG B 215 -15.41 6.38 -20.28
C ARG B 215 -15.52 6.79 -21.74
N GLY B 216 -16.58 7.55 -22.02
CA GLY B 216 -16.88 8.10 -23.35
C GLY B 216 -15.80 9.07 -23.83
N PRO B 217 -15.73 9.28 -25.16
CA PRO B 217 -14.78 10.21 -25.75
C PRO B 217 -15.22 11.69 -25.81
N THR B 218 -14.26 12.62 -25.74
CA THR B 218 -14.40 14.07 -26.05
C THR B 218 -13.10 14.61 -26.64
N ASP B 219 -13.22 15.58 -27.57
CA ASP B 219 -12.10 16.28 -28.27
C ASP B 219 -11.20 17.02 -27.27
N THR B 220 -11.74 17.47 -26.13
CA THR B 220 -11.04 18.37 -25.16
C THR B 220 -9.88 17.60 -24.49
N HIS B 221 -10.04 16.29 -24.28
CA HIS B 221 -9.10 15.43 -23.52
C HIS B 221 -8.71 14.21 -24.39
N LEU B 222 -7.74 14.43 -25.28
CA LEU B 222 -7.18 13.38 -26.17
C LEU B 222 -6.24 12.47 -25.36
N ASP B 223 -5.74 12.91 -24.21
CA ASP B 223 -4.91 12.06 -23.30
C ASP B 223 -5.85 11.01 -22.70
N SER B 224 -7.05 11.38 -22.25
CA SER B 224 -8.04 10.39 -21.74
C SER B 224 -8.30 9.38 -22.87
N LEU B 225 -8.31 9.84 -24.12
CA LEU B 225 -8.67 8.96 -25.25
C LEU B 225 -7.56 7.93 -25.50
N VAL B 226 -6.29 8.31 -25.40
CA VAL B 226 -5.13 7.40 -25.57
C VAL B 226 -5.29 6.20 -24.62
N GLY B 227 -5.62 6.45 -23.35
CA GLY B 227 -5.96 5.41 -22.36
C GLY B 227 -6.96 4.39 -22.86
N GLN B 228 -8.03 4.85 -23.52
CA GLN B 228 -9.08 3.96 -24.05
C GLN B 228 -8.51 3.04 -25.14
N ALA B 229 -7.39 3.39 -25.80
CA ALA B 229 -6.72 2.57 -26.84
C ALA B 229 -5.74 1.56 -26.22
N LEU B 230 -5.16 1.86 -25.06
CA LEU B 230 -3.97 1.09 -24.54
C LEU B 230 -4.32 0.14 -23.39
N PHE B 231 -5.19 0.51 -22.47
CA PHE B 231 -5.29 -0.19 -21.15
C PHE B 231 -6.12 -1.47 -21.34
N GLY B 232 -5.62 -2.57 -20.78
CA GLY B 232 -6.28 -3.89 -20.75
C GLY B 232 -6.36 -4.47 -19.35
N ASP B 233 -7.06 -5.58 -19.19
CA ASP B 233 -7.30 -6.22 -17.88
C ASP B 233 -6.39 -7.43 -17.75
N GLY B 234 -5.91 -7.70 -16.54
CA GLY B 234 -5.17 -8.96 -16.32
C GLY B 234 -4.73 -9.04 -14.88
N ALA B 235 -4.29 -10.22 -14.48
CA ALA B 235 -3.71 -10.45 -13.16
C ALA B 235 -2.53 -11.40 -13.31
N ALA B 236 -1.51 -11.17 -12.51
CA ALA B 236 -0.33 -12.05 -12.46
C ALA B 236 0.03 -12.32 -11.01
N ALA B 237 0.58 -13.51 -10.73
CA ALA B 237 0.94 -13.90 -9.36
C ALA B 237 2.32 -14.54 -9.40
N VAL B 238 3.14 -14.28 -8.41
CA VAL B 238 4.44 -14.98 -8.32
C VAL B 238 4.57 -15.51 -6.90
N ILE B 239 5.39 -16.53 -6.75
CA ILE B 239 5.82 -17.02 -5.42
C ILE B 239 7.30 -16.65 -5.31
N VAL B 240 7.67 -15.97 -4.23
CA VAL B 240 9.07 -15.55 -3.94
C VAL B 240 9.51 -16.07 -2.61
N GLY B 241 10.72 -16.62 -2.56
CA GLY B 241 11.30 -17.12 -1.33
C GLY B 241 12.80 -17.26 -1.42
N SER B 242 13.46 -17.24 -0.27
CA SER B 242 14.91 -17.51 -0.14
C SER B 242 15.11 -18.97 0.24
N ASP B 243 16.28 -19.54 -0.02
CA ASP B 243 16.67 -20.89 0.46
C ASP B 243 15.71 -21.94 -0.11
N PRO B 244 15.62 -22.09 -1.46
CA PRO B 244 14.70 -23.03 -2.07
C PRO B 244 14.94 -24.45 -1.55
N LEU B 245 13.84 -25.14 -1.25
CA LEU B 245 13.88 -26.61 -1.00
C LEU B 245 14.29 -27.32 -2.28
N PRO B 246 14.83 -28.56 -2.16
CA PRO B 246 15.13 -29.37 -3.34
C PRO B 246 13.95 -29.61 -4.28
N VAL B 247 12.74 -29.66 -3.72
CA VAL B 247 11.46 -29.94 -4.45
C VAL B 247 10.89 -28.66 -5.06
N GLU B 248 11.42 -27.49 -4.71
CA GLU B 248 11.00 -26.21 -5.35
C GLU B 248 11.81 -26.02 -6.64
N LYS B 249 11.32 -25.22 -7.60
CA LYS B 249 11.96 -25.05 -8.91
C LYS B 249 12.16 -23.55 -9.17
N PRO B 250 13.31 -22.99 -8.81
CA PRO B 250 13.64 -21.59 -9.14
C PRO B 250 13.49 -21.26 -10.63
N LEU B 251 13.00 -20.05 -10.89
CA LEU B 251 12.92 -19.44 -12.23
C LEU B 251 13.89 -18.27 -12.38
N PHE B 252 14.05 -17.43 -11.35
CA PHE B 252 14.80 -16.15 -11.43
C PHE B 252 15.22 -15.79 -10.01
N GLN B 253 16.38 -15.19 -9.86
CA GLN B 253 16.78 -14.54 -8.60
C GLN B 253 16.58 -13.03 -8.69
N LEU B 254 16.13 -12.41 -7.61
CA LEU B 254 16.03 -10.93 -7.48
C LEU B 254 17.35 -10.46 -6.88
N VAL B 255 18.12 -9.64 -7.60
CA VAL B 255 19.52 -9.33 -7.17
C VAL B 255 19.63 -7.97 -6.49
N TRP B 256 18.97 -6.96 -7.05
CA TRP B 256 19.20 -5.53 -6.68
C TRP B 256 18.03 -4.72 -7.19
N THR B 257 17.62 -3.69 -6.45
CA THR B 257 16.44 -2.86 -6.79
C THR B 257 16.72 -1.39 -6.60
N ALA B 258 15.97 -0.57 -7.34
CA ALA B 258 16.00 0.89 -7.22
C ALA B 258 14.64 1.43 -7.64
N GLN B 259 14.32 2.59 -7.10
CA GLN B 259 13.17 3.40 -7.53
C GLN B 259 13.68 4.84 -7.61
N THR B 260 13.31 5.57 -8.66
CA THR B 260 13.74 6.97 -8.77
C THR B 260 12.65 7.79 -9.43
N ILE B 261 12.69 9.09 -9.17
CA ILE B 261 11.81 10.08 -9.82
C ILE B 261 12.67 10.79 -10.88
N LEU B 262 12.19 10.87 -12.11
CA LEU B 262 12.95 11.47 -13.22
C LEU B 262 12.90 12.99 -13.09
N PRO B 263 14.03 13.66 -13.35
CA PRO B 263 14.06 15.13 -13.36
C PRO B 263 13.13 15.69 -14.44
N ASP B 264 12.53 16.86 -14.17
CA ASP B 264 11.70 17.66 -15.12
C ASP B 264 10.51 16.84 -15.58
N SER B 265 9.97 15.96 -14.74
CA SER B 265 8.88 15.04 -15.12
C SER B 265 7.58 15.39 -14.40
N GLU B 266 7.51 16.53 -13.68
CA GLU B 266 6.36 16.86 -12.79
C GLU B 266 5.08 16.86 -13.61
N GLY B 267 4.09 16.06 -13.23
CA GLY B 267 2.76 16.03 -13.87
C GLY B 267 2.71 15.28 -15.17
N ALA B 268 3.75 14.51 -15.51
CA ALA B 268 3.79 13.77 -16.80
C ALA B 268 2.66 12.75 -16.81
N ILE B 269 2.41 12.07 -15.71
CA ILE B 269 1.26 11.12 -15.61
C ILE B 269 0.57 11.28 -14.26
N ASP B 270 -0.67 11.76 -14.28
CA ASP B 270 -1.49 11.99 -13.06
C ASP B 270 -2.75 11.15 -13.20
N GLY B 271 -3.25 10.62 -12.10
CA GLY B 271 -4.53 9.91 -12.09
C GLY B 271 -5.30 10.30 -10.84
N HIS B 272 -6.55 10.72 -10.98
CA HIS B 272 -7.37 11.20 -9.85
C HIS B 272 -8.58 10.32 -9.70
N LEU B 273 -8.85 9.86 -8.47
CA LEU B 273 -10.09 9.12 -8.20
C LEU B 273 -11.20 10.09 -7.78
N ARG B 274 -12.24 10.17 -8.61
CA ARG B 274 -13.28 11.21 -8.52
C ARG B 274 -14.65 10.56 -8.59
N GLU B 275 -15.71 11.34 -8.47
CA GLU B 275 -17.11 10.82 -8.54
C GLU B 275 -17.42 10.20 -9.91
N VAL B 276 -16.66 10.58 -10.95
CA VAL B 276 -16.72 10.04 -12.34
C VAL B 276 -15.75 8.85 -12.53
N GLY B 277 -15.13 8.34 -11.46
CA GLY B 277 -14.15 7.25 -11.55
C GLY B 277 -12.74 7.77 -11.66
N LEU B 278 -11.85 6.93 -12.18
CA LEU B 278 -10.41 7.25 -12.28
C LEU B 278 -10.17 7.96 -13.59
N THR B 279 -9.58 9.13 -13.52
CA THR B 279 -9.32 10.01 -14.68
C THR B 279 -7.81 10.02 -14.87
N PHE B 280 -7.37 9.99 -16.11
CA PHE B 280 -5.96 9.84 -16.54
C PHE B 280 -5.55 11.17 -17.20
N HIS B 281 -4.40 11.75 -16.85
CA HIS B 281 -3.91 13.07 -17.40
C HIS B 281 -2.44 12.94 -17.80
N LEU B 282 -2.09 13.45 -18.98
CA LEU B 282 -0.73 13.33 -19.57
C LEU B 282 -0.19 14.74 -19.87
N LEU B 283 1.04 15.02 -19.44
CA LEU B 283 1.80 16.21 -19.89
C LEU B 283 3.17 15.71 -20.37
N LYS B 284 3.90 16.59 -21.04
CA LYS B 284 5.35 16.41 -21.31
C LYS B 284 5.54 15.20 -22.23
N ASP B 285 6.76 14.74 -22.37
CA ASP B 285 7.05 13.69 -23.35
C ASP B 285 7.55 12.47 -22.59
N VAL B 286 6.64 11.57 -22.23
CA VAL B 286 6.97 10.38 -21.40
C VAL B 286 8.06 9.56 -22.08
N PRO B 287 7.91 9.15 -23.36
CA PRO B 287 8.95 8.37 -24.02
C PRO B 287 10.30 9.09 -24.02
N GLY B 288 10.32 10.41 -24.25
CA GLY B 288 11.56 11.20 -24.25
C GLY B 288 12.20 11.24 -22.88
N LEU B 289 11.39 11.48 -21.85
CA LEU B 289 11.89 11.54 -20.45
C LEU B 289 12.50 10.20 -20.05
N ILE B 290 11.80 9.10 -20.35
CA ILE B 290 12.31 7.74 -19.97
C ILE B 290 13.60 7.48 -20.76
N SER B 291 13.62 7.76 -22.07
CA SER B 291 14.81 7.50 -22.93
C SER B 291 15.99 8.31 -22.47
N LYS B 292 15.74 9.58 -22.17
CA LYS B 292 16.80 10.50 -21.70
C LYS B 292 17.49 9.98 -20.45
N ASN B 293 16.81 9.20 -19.61
CA ASN B 293 17.21 8.89 -18.22
C ASN B 293 17.55 7.40 -18.06
N ILE B 294 17.27 6.55 -19.05
CA ILE B 294 17.31 5.07 -18.86
C ILE B 294 18.78 4.65 -18.68
N GLU B 295 19.72 5.29 -19.39
CA GLU B 295 21.11 4.82 -19.31
C GLU B 295 21.65 5.03 -17.89
N LYS B 296 21.38 6.18 -17.27
CA LYS B 296 21.76 6.48 -15.87
C LYS B 296 21.26 5.35 -14.94
N ALA B 297 20.03 4.89 -15.13
CA ALA B 297 19.40 3.82 -14.31
C ALA B 297 20.17 2.52 -14.55
N LEU B 298 20.51 2.19 -15.79
CA LEU B 298 21.27 0.96 -16.17
C LEU B 298 22.68 1.00 -15.57
N VAL B 299 23.39 2.14 -15.63
CA VAL B 299 24.77 2.27 -15.05
C VAL B 299 24.70 2.01 -13.54
N GLU B 300 23.75 2.62 -12.85
CA GLU B 300 23.57 2.42 -11.40
C GLU B 300 23.37 0.91 -11.12
N ALA B 301 22.56 0.24 -11.94
CA ALA B 301 22.29 -1.21 -11.75
C ALA B 301 23.51 -2.07 -12.11
N PHE B 302 24.16 -1.80 -13.24
CA PHE B 302 25.06 -2.82 -13.88
C PHE B 302 26.54 -2.49 -13.78
N GLN B 303 26.95 -1.23 -13.57
CA GLN B 303 28.39 -0.92 -13.46
C GLN B 303 28.99 -1.68 -12.28
N PRO B 304 28.35 -1.80 -11.09
CA PRO B 304 28.93 -2.63 -10.02
C PRO B 304 29.05 -4.13 -10.34
N LEU B 305 28.35 -4.61 -11.37
CA LEU B 305 28.36 -6.03 -11.81
C LEU B 305 29.33 -6.20 -13.00
N GLY B 306 29.92 -5.10 -13.48
CA GLY B 306 30.92 -5.14 -14.57
C GLY B 306 30.24 -5.19 -15.91
N ILE B 307 28.99 -4.77 -16.01
CA ILE B 307 28.24 -4.90 -17.29
C ILE B 307 27.94 -3.51 -17.86
N SER B 308 28.32 -3.30 -19.11
CA SER B 308 28.06 -2.08 -19.88
C SER B 308 27.44 -2.39 -21.24
N ASP B 309 27.41 -3.64 -21.69
CA ASP B 309 26.73 -4.01 -22.96
C ASP B 309 25.28 -4.40 -22.65
N TYR B 310 24.30 -3.53 -22.96
CA TYR B 310 22.89 -3.75 -22.61
C TYR B 310 22.23 -4.71 -23.61
N ASN B 311 22.95 -5.17 -24.65
CA ASN B 311 22.48 -6.25 -25.53
C ASN B 311 22.85 -7.64 -24.96
N SER B 312 23.68 -7.71 -23.92
CA SER B 312 24.17 -8.95 -23.25
C SER B 312 23.25 -9.38 -22.08
N ILE B 313 22.17 -8.64 -21.83
CA ILE B 313 21.23 -8.89 -20.68
C ILE B 313 19.86 -9.10 -21.28
N PHE B 314 18.99 -9.80 -20.56
CA PHE B 314 17.59 -10.01 -21.01
C PHE B 314 16.76 -8.82 -20.50
N TRP B 315 15.74 -8.44 -21.25
CA TRP B 315 14.96 -7.20 -21.03
C TRP B 315 13.52 -7.53 -20.71
N ILE B 316 13.01 -6.93 -19.62
CA ILE B 316 11.58 -6.79 -19.34
C ILE B 316 11.32 -5.30 -19.11
N ALA B 317 10.50 -4.66 -19.96
CA ALA B 317 10.19 -3.23 -19.82
C ALA B 317 8.69 -3.07 -19.83
N HIS B 318 8.18 -2.27 -18.90
CA HIS B 318 6.74 -1.98 -18.83
C HIS B 318 6.34 -1.29 -20.14
N PRO B 319 5.45 -1.87 -20.96
CA PRO B 319 5.06 -1.25 -22.23
C PRO B 319 3.97 -0.19 -22.11
N GLY B 320 4.31 0.94 -21.47
CA GLY B 320 3.31 2.00 -21.28
C GLY B 320 2.66 2.38 -22.61
N GLY B 321 3.49 2.50 -23.65
CA GLY B 321 3.04 2.49 -25.05
C GLY B 321 4.21 2.11 -25.95
N PRO B 322 3.98 1.90 -27.27
CA PRO B 322 5.05 1.47 -28.17
C PRO B 322 6.18 2.51 -28.26
N ALA B 323 5.84 3.81 -28.17
CA ALA B 323 6.80 4.93 -28.27
C ALA B 323 7.90 4.79 -27.19
N ILE B 324 7.57 4.38 -25.96
CA ILE B 324 8.61 4.23 -24.90
C ILE B 324 9.64 3.21 -25.38
N LEU B 325 9.17 2.07 -25.91
CA LEU B 325 10.02 0.91 -26.25
C LEU B 325 10.91 1.28 -27.43
N ASP B 326 10.33 1.96 -28.43
CA ASP B 326 11.04 2.40 -29.67
C ASP B 326 12.15 3.38 -29.30
N GLN B 327 11.87 4.35 -28.43
CA GLN B 327 12.84 5.41 -28.09
C GLN B 327 13.91 4.84 -27.15
N VAL B 328 13.57 3.91 -26.25
CA VAL B 328 14.62 3.25 -25.42
C VAL B 328 15.56 2.43 -26.32
N GLU B 329 15.00 1.62 -27.20
CA GLU B 329 15.74 0.75 -28.15
C GLU B 329 16.74 1.62 -28.95
N ALA B 330 16.24 2.72 -29.51
CA ALA B 330 17.00 3.67 -30.36
C ALA B 330 18.06 4.37 -29.52
N LYS B 331 17.72 4.85 -28.31
CA LYS B 331 18.71 5.56 -27.46
C LYS B 331 19.89 4.65 -27.11
N LEU B 332 19.66 3.39 -26.74
CA LEU B 332 20.71 2.48 -26.23
C LEU B 332 21.33 1.66 -27.36
N GLY B 333 20.72 1.67 -28.55
CA GLY B 333 21.05 0.79 -29.70
C GLY B 333 20.85 -0.67 -29.34
N LEU B 334 19.73 -1.02 -28.71
CA LEU B 334 19.35 -2.44 -28.48
C LEU B 334 19.10 -3.05 -29.86
N LYS B 335 19.55 -4.28 -30.06
CA LYS B 335 19.07 -5.11 -31.19
C LYS B 335 17.55 -5.20 -31.09
N PRO B 336 16.84 -5.29 -32.23
CA PRO B 336 15.38 -5.33 -32.19
C PRO B 336 14.81 -6.57 -31.46
N GLU B 337 15.59 -7.63 -31.27
CA GLU B 337 15.13 -8.87 -30.58
C GLU B 337 14.99 -8.65 -29.05
N LYS B 338 15.71 -7.69 -28.46
CA LYS B 338 15.77 -7.51 -26.98
C LYS B 338 14.36 -7.26 -26.43
N MET B 339 13.54 -6.46 -27.13
CA MET B 339 12.18 -6.06 -26.70
C MET B 339 11.10 -7.08 -27.16
N GLU B 340 11.47 -8.26 -27.68
CA GLU B 340 10.47 -9.20 -28.27
C GLU B 340 9.42 -9.62 -27.24
N ALA B 341 9.86 -10.12 -26.09
CA ALA B 341 8.93 -10.62 -25.05
C ALA B 341 8.00 -9.47 -24.64
N THR B 342 8.57 -8.28 -24.42
CA THR B 342 7.79 -7.09 -24.02
C THR B 342 6.73 -6.77 -25.07
N ARG B 343 7.14 -6.68 -26.35
N ARG B 343 7.14 -6.70 -26.35
CA ARG B 343 6.20 -6.33 -27.45
CA ARG B 343 6.23 -6.33 -27.46
C ARG B 343 5.14 -7.42 -27.64
C ARG B 343 5.17 -7.42 -27.67
N HIS B 344 5.50 -8.68 -27.38
CA HIS B 344 4.55 -9.81 -27.48
C HIS B 344 3.38 -9.60 -26.51
N VAL B 345 3.69 -9.22 -25.28
CA VAL B 345 2.66 -9.03 -24.24
C VAL B 345 1.84 -7.80 -24.61
N LEU B 346 2.50 -6.72 -25.02
CA LEU B 346 1.77 -5.51 -25.45
C LEU B 346 0.80 -5.91 -26.56
N SER B 347 1.25 -6.69 -27.54
CA SER B 347 0.44 -7.13 -28.72
C SER B 347 -0.75 -7.99 -28.27
N GLU B 348 -0.53 -8.95 -27.38
CA GLU B 348 -1.58 -9.94 -27.02
C GLU B 348 -2.46 -9.45 -25.86
N TYR B 349 -2.10 -8.42 -25.12
CA TYR B 349 -2.85 -8.08 -23.88
C TYR B 349 -3.02 -6.58 -23.64
N GLY B 350 -2.30 -5.73 -24.36
CA GLY B 350 -2.30 -4.30 -24.02
C GLY B 350 -1.55 -3.98 -22.72
N ASN B 351 -1.70 -2.76 -22.26
CA ASN B 351 -1.06 -2.21 -21.03
C ASN B 351 -1.94 -2.62 -19.86
N MET B 352 -1.54 -3.64 -19.10
CA MET B 352 -2.31 -4.13 -17.92
C MET B 352 -1.72 -3.54 -16.64
N SER B 353 -1.21 -2.31 -16.73
CA SER B 353 -0.65 -1.57 -15.58
C SER B 353 0.31 -2.48 -14.79
N SER B 354 0.18 -2.57 -13.46
CA SER B 354 1.19 -3.25 -12.60
C SER B 354 1.43 -4.71 -13.05
N ALA B 355 0.46 -5.42 -13.63
CA ALA B 355 0.63 -6.86 -13.98
C ALA B 355 1.55 -7.10 -15.19
N CYS B 356 1.67 -6.15 -16.13
N CYS B 356 1.73 -6.09 -16.04
CA CYS B 356 2.36 -6.39 -17.45
CA CYS B 356 2.30 -6.28 -17.40
C CYS B 356 3.73 -7.03 -17.28
C CYS B 356 3.70 -6.92 -17.34
N VAL B 357 4.58 -6.44 -16.46
CA VAL B 357 6.00 -6.93 -16.39
C VAL B 357 6.03 -8.36 -15.88
N LEU B 358 5.03 -8.78 -15.11
CA LEU B 358 4.99 -10.16 -14.62
C LEU B 358 4.50 -11.09 -15.76
N PHE B 359 3.56 -10.67 -16.61
CA PHE B 359 3.21 -11.43 -17.84
C PHE B 359 4.44 -11.57 -18.71
N ILE B 360 5.25 -10.52 -18.80
CA ILE B 360 6.45 -10.50 -19.68
C ILE B 360 7.48 -11.49 -19.15
N LEU B 361 7.67 -11.55 -17.83
CA LEU B 361 8.58 -12.54 -17.20
C LEU B 361 8.14 -13.96 -17.56
N ASP B 362 6.84 -14.24 -17.43
CA ASP B 362 6.25 -15.54 -17.80
C ASP B 362 6.52 -15.82 -19.28
N GLN B 363 6.21 -14.86 -20.14
CA GLN B 363 6.40 -15.04 -21.62
C GLN B 363 7.88 -15.36 -21.96
N MET B 364 8.83 -14.70 -21.32
CA MET B 364 10.28 -14.94 -21.56
C MET B 364 10.64 -16.37 -21.11
N ARG B 365 10.17 -16.79 -19.95
CA ARG B 365 10.41 -18.19 -19.48
C ARG B 365 9.81 -19.15 -20.52
N LYS B 366 8.58 -18.89 -20.96
CA LYS B 366 7.85 -19.83 -21.83
C LYS B 366 8.56 -19.95 -23.19
N LYS B 367 8.97 -18.84 -23.75
CA LYS B 367 9.67 -18.78 -25.04
C LYS B 367 11.04 -19.45 -24.92
N SER B 368 11.74 -19.24 -23.81
CA SER B 368 13.06 -19.84 -23.54
C SER B 368 12.91 -21.37 -23.51
N ILE B 369 11.84 -21.86 -22.87
CA ILE B 369 11.53 -23.32 -22.84
C ILE B 369 11.25 -23.80 -24.26
N GLU B 370 10.36 -23.11 -24.98
CA GLU B 370 9.86 -23.56 -26.31
C GLU B 370 11.05 -23.68 -27.26
N ASN B 371 11.95 -22.72 -27.22
CA ASN B 371 13.07 -22.59 -28.21
C ASN B 371 14.31 -23.31 -27.69
N GLY B 372 14.25 -24.03 -26.57
CA GLY B 372 15.38 -24.80 -26.02
C GLY B 372 16.60 -23.96 -25.70
N LEU B 373 16.40 -22.77 -25.11
CA LEU B 373 17.55 -21.91 -24.71
C LEU B 373 18.14 -22.39 -23.38
N GLY B 374 19.34 -21.94 -23.08
CA GLY B 374 20.10 -22.50 -21.94
C GLY B 374 19.53 -22.02 -20.60
N THR B 375 18.79 -20.90 -20.56
CA THR B 375 18.33 -20.28 -19.27
C THR B 375 16.90 -19.77 -19.46
N THR B 376 16.22 -19.47 -18.36
CA THR B 376 14.86 -18.86 -18.36
C THR B 376 14.91 -17.41 -18.89
N GLY B 377 16.10 -16.82 -18.98
CA GLY B 377 16.31 -15.46 -19.53
C GLY B 377 16.86 -15.49 -20.96
N GLU B 378 16.22 -16.24 -21.87
CA GLU B 378 16.58 -16.27 -23.32
C GLU B 378 18.03 -16.72 -23.51
N GLY B 379 18.55 -17.52 -22.58
CA GLY B 379 19.93 -18.07 -22.61
C GLY B 379 20.98 -17.20 -21.97
N LEU B 380 20.62 -16.00 -21.52
CA LEU B 380 21.55 -15.05 -20.86
C LEU B 380 21.46 -15.20 -19.35
N ASP B 381 22.48 -14.74 -18.64
CA ASP B 381 22.60 -14.88 -17.17
C ASP B 381 21.91 -13.72 -16.43
N TRP B 382 22.13 -12.48 -16.85
CA TRP B 382 21.68 -11.25 -16.15
C TRP B 382 20.56 -10.62 -16.94
N GLY B 383 19.61 -10.03 -16.20
CA GLY B 383 18.50 -9.34 -16.86
C GLY B 383 18.09 -8.10 -16.10
N VAL B 384 17.28 -7.26 -16.73
CA VAL B 384 16.74 -6.07 -16.05
C VAL B 384 15.22 -6.05 -16.26
N LEU B 385 14.49 -5.64 -15.21
CA LEU B 385 13.05 -5.37 -15.30
C LEU B 385 12.81 -3.91 -14.92
N PHE B 386 12.02 -3.21 -15.73
CA PHE B 386 11.68 -1.78 -15.53
C PHE B 386 10.18 -1.62 -15.43
N GLY B 387 9.77 -0.93 -14.37
CA GLY B 387 8.43 -0.35 -14.22
C GLY B 387 8.50 1.15 -14.46
N PHE B 388 7.51 1.70 -15.17
CA PHE B 388 7.40 3.13 -15.49
C PHE B 388 6.01 3.60 -15.11
N GLY B 389 5.88 4.70 -14.40
CA GLY B 389 4.53 5.18 -14.10
C GLY B 389 4.54 6.56 -13.47
N PRO B 390 3.44 6.95 -12.79
CA PRO B 390 3.30 8.29 -12.20
C PRO B 390 4.50 8.71 -11.36
N GLY B 391 4.95 9.94 -11.58
CA GLY B 391 6.06 10.54 -10.82
C GLY B 391 6.78 11.63 -11.62
N LEU B 392 7.40 11.31 -12.76
CA LEU B 392 7.51 9.99 -13.38
C LEU B 392 8.47 9.08 -12.59
N THR B 393 7.97 7.92 -12.19
CA THR B 393 8.71 6.91 -11.39
C THR B 393 9.26 5.82 -12.34
N VAL B 394 10.52 5.45 -12.15
CA VAL B 394 11.17 4.28 -12.78
C VAL B 394 11.59 3.32 -11.65
N GLU B 395 11.09 2.09 -11.74
CA GLU B 395 11.51 0.95 -10.89
C GLU B 395 12.50 0.13 -11.71
N THR B 396 13.64 -0.22 -11.10
CA THR B 396 14.64 -1.14 -11.67
C THR B 396 14.75 -2.37 -10.80
N VAL B 397 14.71 -3.54 -11.44
CA VAL B 397 15.05 -4.81 -10.73
C VAL B 397 16.09 -5.55 -11.55
N VAL B 398 17.24 -5.82 -10.97
CA VAL B 398 18.24 -6.73 -11.59
C VAL B 398 17.85 -8.17 -11.25
N LEU B 399 17.85 -9.00 -12.29
CA LEU B 399 17.46 -10.43 -12.28
C LEU B 399 18.64 -11.28 -12.72
N ARG B 400 18.69 -12.49 -12.19
CA ARG B 400 19.56 -13.57 -12.67
C ARG B 400 18.64 -14.71 -13.12
N SER B 401 18.87 -15.24 -14.30
CA SER B 401 18.11 -16.38 -14.85
C SER B 401 18.52 -17.66 -14.12
N VAL B 402 17.80 -18.75 -14.40
CA VAL B 402 18.20 -20.11 -13.93
C VAL B 402 18.43 -20.98 -15.16
N THR B 403 19.35 -21.94 -15.09
CA THR B 403 19.62 -22.84 -16.23
C THR B 403 18.43 -23.78 -16.42
N LEU B 404 18.11 -24.07 -17.67
CA LEU B 404 17.08 -25.07 -18.05
C LEU B 404 17.76 -26.43 -18.31
#